data_8G05
#
_entry.id   8G05
#
_cell.length_a   1.00
_cell.length_b   1.00
_cell.length_c   1.00
_cell.angle_alpha   90.00
_cell.angle_beta   90.00
_cell.angle_gamma   90.00
#
_symmetry.space_group_name_H-M   'P 1'
#
loop_
_entity.id
_entity.type
_entity.pdbx_description
1 polymer 'G-protein coupled receptor 84'
2 polymer 'Guanine nucleotide-binding protein G(i) subunit alpha-1'
3 polymer 'Guanine nucleotide-binding protein G(I)/G(S)/G(T) subunit beta-1'
4 polymer scFv16
5 polymer 'Guanine nucleotide-binding protein G(I)/G(S)/G(O) subunit gamma-2'
6 non-polymer 6-(octylamino)pyrimidine-2,4(3H,5H)-dione
7 non-polymer CHOLESTEROL
#
loop_
_entity_poly.entity_id
_entity_poly.type
_entity_poly.pdbx_seq_one_letter_code
_entity_poly.pdbx_strand_id
1 'polypeptide(L)'
;DYKDDDDHHHHHHHHGQPGNGSAFLLAPNGSHAPDHNVTQQRDEENLYFQGVDMWNSSDANFSCYHESVLGYRYVAVSWG
VVVAVTGTVGNVLTLLALAIQPKLRTRFNLLIANLTLADLLYCTLLQPFSVDTYLHLHWRTGATFCRVFGLLLFASNSVS
ILTLCLIALGRYLLIAHPKLFPQVFSAKGIVLALVSTWVVGVASFAPLWPIYILVPVVCTCSFDRIRGRPYTTILMGIYF
VLGLSSVGIFYCLIHRQVKRAAQALDQYKLRQASIHSNHVARTDEAMPGRFQELDSRLASGGPSEGISSEPVSAATTQTL
EGDSSEVGDQINSKRAKQMAEKSPPEASAKAQPIKGARRAPDSSSEFGKVTRMCFAVFLCFALSYIPFLLLNILDARVQA
PRVVHMLAANLTWLNGCINPVLYAAMNRQFRQAYGSILKR
;
R
2 'polypeptide(L)'
;MGCTLSAEDKAAVERSKMIDRNLREDGEKAAREVKLLLLGAGESGKNTIVKQMKIIHEAGYSEEECKQYKAVVYSNTIQS
IIAIIRAMGRLKIDFGDSARADDARQLFVLAGAAEEGFMTAELAGVIKRLWKDSGVQACFNRSREYQLNDSAAYYLNDLD
RIAQPNYIPTQQDVLRTRVKTTGIVETHFTFKDLHFKMFDVGAQRSERKKWIHCFEGVTAIIFCVALSDYDLVLAEDEEM
NRMHASMKLFDSICNNKWFTDTSIILFLNKKDLFEEKIKKSPLTICYPEYAGSNTYEEAAAYIQCQFEDLNKRKDTKEIY
THFTCSTDTKNVQFVFDAVTDVIIKNNLKDCGLF
;
A
3 'polypeptide(L)'
;MHHHHHHGSSGSELDQLRQEAEQLKNQIRDARKACADATLSQITNNIDPVGRIQMRTRRTLRGHLAKIYAMHWGTDSRLL
VSASQDGKLIIWDSYTTNKVHAIPLRSSWVMTCAYAPSGNYVACGGLDNICSIYNLKTREGNVRVSRELAGHTGYLSCCR
FLDDNQIVTSSGDTTCALWDIETGQQTTTFTGHTGDVMSLSLAPDTRLFVSGACDASAKLWDVREGMCRQTFTGHESDIN
AICFFPNGNAFATGSDDATCRLFDLRADQELMTYSHDNIICGITSVSFSKSGRLLLAGYDDFNCNVWDALKADRAGVLAG
HDNRVSCLGVTDDGMAVATGSWDSFLKIWNGSSGGGGSGGGGSSGVSGWRLFKKIS
;
B
4 'polypeptide(L)'
;DVQLVESGGGLVQPGGSRKLSCSASGFAFSSFGMHWVRQAPEKGLEWVAYISSGSGTIYYADTVKGRFTISRDDPKNTLF
LQMTSLRSEDTAMYYCVRSIYYYGSSPFDFWGQGTTLTVSSGGGGSGGGGSGGGGSDIVMTQATSSVPVTPGESVSISCR
SSKSLLHSNGNTYLYWFLQRPGQSPQLLIYRMSNLASGVPDRFSGSGSGTAFTLTISRLEAEDVGVYYCMQHLEYPLTFG
AGTKLELLEENLYFQGASHHHHHHHH
;
E
5 'polypeptide(L)' MASNNTASIAQARKLVEQLKMEANIDRIKVSKAAADLMAYCEAHAKEDPLLTPVPASENPFREKKFFCAIL G
#
loop_
_chem_comp.id
_chem_comp.type
_chem_comp.name
_chem_comp.formula
CLR non-polymer CHOLESTEROL 'C27 H46 O'
YI9 non-polymer 6-(octylamino)pyrimidine-2,4(3H,5H)-dione 'C12 H21 N3 O2'
#
# COMPACT_ATOMS: atom_id res chain seq x y z
N ASP A 59 -46.61 38.64 -27.45
CA ASP A 59 -46.55 37.40 -26.70
C ASP A 59 -45.11 37.04 -26.35
N ALA A 60 -44.83 35.74 -26.28
CA ALA A 60 -43.48 35.29 -26.01
C ALA A 60 -42.60 35.41 -27.25
N ASN A 61 -41.57 36.24 -27.17
CA ASN A 61 -40.67 36.47 -28.28
C ASN A 61 -39.24 36.14 -27.85
N PHE A 62 -38.44 35.72 -28.83
CA PHE A 62 -37.04 35.38 -28.60
C PHE A 62 -36.16 36.36 -29.39
N SER A 63 -35.91 37.51 -28.79
CA SER A 63 -35.08 38.55 -29.39
C SER A 63 -34.51 39.42 -28.29
N CYS A 64 -33.34 40.00 -28.55
CA CYS A 64 -32.59 40.72 -27.53
C CYS A 64 -32.41 42.19 -27.88
N TYR A 65 -32.81 42.62 -29.08
CA TYR A 65 -32.32 43.85 -29.69
C TYR A 65 -32.73 45.09 -28.91
N HIS A 66 -31.74 45.91 -28.57
CA HIS A 66 -31.91 47.14 -27.81
C HIS A 66 -30.78 48.07 -28.23
N GLU A 67 -30.83 49.31 -27.73
CA GLU A 67 -29.85 50.30 -28.15
C GLU A 67 -28.66 50.34 -27.21
N SER A 68 -28.87 49.98 -25.94
CA SER A 68 -27.78 50.04 -24.97
C SER A 68 -26.76 48.93 -25.19
N VAL A 69 -27.22 47.76 -25.66
CA VAL A 69 -26.38 46.58 -25.69
C VAL A 69 -25.52 46.44 -26.93
N LEU A 70 -25.57 47.43 -27.84
CA LEU A 70 -24.97 47.26 -29.17
C LEU A 70 -23.45 47.29 -29.13
N GLY A 71 -22.86 47.87 -28.09
CA GLY A 71 -21.42 47.85 -27.94
C GLY A 71 -20.99 46.76 -26.98
N TYR A 72 -21.74 46.64 -25.87
CA TYR A 72 -21.42 45.69 -24.80
C TYR A 72 -21.44 44.25 -25.28
N ARG A 73 -22.24 43.95 -26.32
CA ARG A 73 -22.26 42.62 -26.91
C ARG A 73 -20.88 42.18 -27.37
N TYR A 74 -20.08 43.12 -27.89
CA TYR A 74 -18.72 42.78 -28.29
C TYR A 74 -17.86 42.46 -27.07
N VAL A 75 -17.99 43.25 -26.00
CA VAL A 75 -17.23 42.92 -24.79
C VAL A 75 -17.87 41.76 -24.05
N ALA A 76 -19.03 41.28 -24.50
CA ALA A 76 -19.48 39.97 -24.07
C ALA A 76 -18.82 38.88 -24.90
N VAL A 77 -18.85 39.00 -26.23
CA VAL A 77 -18.51 37.84 -27.06
C VAL A 77 -17.01 37.60 -27.06
N SER A 78 -16.20 38.66 -27.05
CA SER A 78 -14.76 38.52 -26.89
C SER A 78 -14.39 38.06 -25.49
N TRP A 79 -15.30 38.21 -24.53
CA TRP A 79 -15.14 37.57 -23.23
C TRP A 79 -15.74 36.17 -23.22
N GLY A 80 -16.78 35.95 -24.02
CA GLY A 80 -17.44 34.65 -24.02
C GLY A 80 -16.61 33.56 -24.68
N VAL A 81 -15.76 33.95 -25.63
CA VAL A 81 -14.79 33.00 -26.20
C VAL A 81 -13.58 32.82 -25.31
N VAL A 82 -13.51 33.51 -24.18
CA VAL A 82 -12.44 33.28 -23.21
C VAL A 82 -12.82 32.19 -22.24
N VAL A 83 -14.02 32.27 -21.65
CA VAL A 83 -14.49 31.26 -20.73
C VAL A 83 -14.74 29.93 -21.45
N ALA A 84 -15.06 29.98 -22.73
CA ALA A 84 -15.19 28.75 -23.50
C ALA A 84 -13.83 28.15 -23.83
N VAL A 85 -12.75 28.93 -23.72
CA VAL A 85 -11.43 28.40 -24.05
C VAL A 85 -10.53 28.26 -22.82
N THR A 86 -10.92 28.85 -21.69
CA THR A 86 -10.21 28.65 -20.43
C THR A 86 -10.99 27.69 -19.52
N GLY A 87 -12.13 27.19 -19.96
CA GLY A 87 -12.88 26.21 -19.21
C GLY A 87 -12.89 24.84 -19.87
N THR A 88 -12.57 24.79 -21.15
CA THR A 88 -12.43 23.53 -21.86
C THR A 88 -10.99 23.07 -21.97
N VAL A 89 -10.04 23.83 -21.42
CA VAL A 89 -8.69 23.32 -21.21
C VAL A 89 -8.27 23.38 -19.75
N GLY A 90 -8.89 24.23 -18.93
CA GLY A 90 -8.56 24.24 -17.52
C GLY A 90 -9.27 23.16 -16.74
N ASN A 91 -10.45 22.75 -17.19
CA ASN A 91 -11.21 21.73 -16.50
C ASN A 91 -11.07 20.34 -17.10
N VAL A 92 -10.50 20.22 -18.30
CA VAL A 92 -10.19 18.88 -18.77
C VAL A 92 -8.82 18.44 -18.27
N LEU A 93 -7.93 19.39 -17.96
CA LEU A 93 -6.64 19.01 -17.41
C LEU A 93 -6.77 18.55 -15.97
N THR A 94 -7.69 19.15 -15.21
CA THR A 94 -7.96 18.69 -13.85
C THR A 94 -8.55 17.29 -13.85
N LEU A 95 -9.47 17.01 -14.77
CA LEU A 95 -10.08 15.69 -14.81
C LEU A 95 -9.13 14.65 -15.38
N LEU A 96 -8.21 15.04 -16.26
CA LEU A 96 -7.17 14.11 -16.69
C LEU A 96 -6.20 13.81 -15.56
N ALA A 97 -5.88 14.80 -14.72
CA ALA A 97 -5.02 14.55 -13.58
C ALA A 97 -5.71 13.68 -12.55
N LEU A 98 -7.04 13.77 -12.44
CA LEU A 98 -7.75 12.93 -11.49
C LEU A 98 -7.99 11.52 -12.02
N ALA A 99 -8.20 11.36 -13.32
CA ALA A 99 -8.48 10.04 -13.86
C ALA A 99 -7.23 9.24 -14.16
N ILE A 100 -6.15 9.90 -14.58
CA ILE A 100 -4.94 9.19 -14.95
C ILE A 100 -4.22 8.67 -13.70
N GLN A 101 -3.91 9.54 -12.75
CA GLN A 101 -3.20 9.11 -11.56
C GLN A 101 -4.18 8.89 -10.42
N PRO A 102 -4.42 7.66 -9.99
CA PRO A 102 -5.38 7.43 -8.89
C PRO A 102 -4.81 7.67 -7.50
N LYS A 103 -3.63 8.26 -7.38
CA LYS A 103 -3.07 8.57 -6.08
C LYS A 103 -3.71 9.80 -5.45
N LEU A 104 -4.06 10.80 -6.27
CA LEU A 104 -4.66 12.04 -5.79
C LEU A 104 -6.19 12.01 -5.84
N ARG A 105 -6.79 10.84 -5.88
CA ARG A 105 -8.24 10.73 -5.70
C ARG A 105 -8.62 10.64 -4.24
N THR A 106 -8.18 11.59 -3.43
CA THR A 106 -8.50 11.59 -2.01
C THR A 106 -9.95 12.03 -1.81
N ARG A 107 -10.42 11.96 -0.56
CA ARG A 107 -11.78 12.38 -0.27
C ARG A 107 -11.94 13.89 -0.31
N PHE A 108 -10.83 14.62 -0.19
CA PHE A 108 -10.91 16.06 -0.39
C PHE A 108 -10.87 16.40 -1.87
N ASN A 109 -10.04 15.70 -2.65
CA ASN A 109 -9.86 16.06 -4.05
C ASN A 109 -11.07 15.66 -4.90
N LEU A 110 -11.94 14.81 -4.36
CA LEU A 110 -13.19 14.51 -5.06
C LEU A 110 -14.13 15.70 -5.01
N LEU A 111 -14.00 16.55 -3.99
CA LEU A 111 -14.75 17.81 -3.98
C LEU A 111 -14.27 18.73 -5.10
N ILE A 112 -12.96 18.77 -5.35
CA ILE A 112 -12.43 19.56 -6.46
C ILE A 112 -12.83 18.91 -7.79
N ALA A 113 -13.00 17.58 -7.82
CA ALA A 113 -13.52 16.93 -9.01
C ALA A 113 -14.97 17.30 -9.28
N ASN A 114 -15.79 17.34 -8.23
CA ASN A 114 -17.18 17.77 -8.36
C ASN A 114 -17.27 19.22 -8.79
N LEU A 115 -16.38 20.07 -8.27
CA LEU A 115 -16.38 21.47 -8.66
C LEU A 115 -15.90 21.67 -10.10
N THR A 116 -14.96 20.85 -10.57
CA THR A 116 -14.52 20.99 -11.94
C THR A 116 -15.41 20.25 -12.92
N LEU A 117 -16.34 19.43 -12.42
CA LEU A 117 -17.44 18.94 -13.25
C LEU A 117 -18.65 19.86 -13.22
N ALA A 118 -18.78 20.69 -12.19
CA ALA A 118 -19.90 21.62 -12.12
C ALA A 118 -19.71 22.81 -13.06
N ASP A 119 -18.51 23.05 -13.56
CA ASP A 119 -18.29 24.14 -14.50
C ASP A 119 -17.72 23.70 -15.83
N LEU A 120 -17.35 22.42 -16.00
CA LEU A 120 -17.09 21.91 -17.34
C LEU A 120 -18.37 21.85 -18.13
N LEU A 121 -19.46 21.47 -17.46
CA LEU A 121 -20.81 21.58 -18.01
C LEU A 121 -21.13 23.00 -18.46
N TYR A 122 -20.75 23.98 -17.65
CA TYR A 122 -20.96 25.39 -18.00
C TYR A 122 -20.11 25.80 -19.19
N CYS A 123 -18.79 25.72 -19.04
CA CYS A 123 -17.89 26.31 -20.03
C CYS A 123 -17.73 25.46 -21.29
N THR A 124 -18.29 24.25 -21.35
CA THR A 124 -18.22 23.49 -22.59
C THR A 124 -19.56 23.45 -23.32
N LEU A 125 -20.67 23.30 -22.60
CA LEU A 125 -21.98 23.22 -23.23
C LEU A 125 -22.73 24.55 -23.18
N LEU A 126 -22.95 25.09 -21.98
CA LEU A 126 -23.80 26.26 -21.84
C LEU A 126 -23.09 27.57 -22.13
N GLN A 127 -21.77 27.57 -22.27
CA GLN A 127 -21.09 28.79 -22.67
C GLN A 127 -21.12 29.07 -24.17
N PRO A 128 -20.85 28.13 -25.10
CA PRO A 128 -20.94 28.51 -26.52
C PRO A 128 -22.35 28.69 -27.03
N PHE A 129 -23.38 28.33 -26.25
CA PHE A 129 -24.75 28.63 -26.63
C PHE A 129 -25.19 30.00 -26.13
N SER A 130 -24.46 30.60 -25.21
CA SER A 130 -24.70 31.98 -24.83
C SER A 130 -23.61 32.92 -25.32
N VAL A 131 -22.85 32.52 -26.33
CA VAL A 131 -21.89 33.44 -26.94
C VAL A 131 -22.39 33.89 -28.30
N ASP A 132 -23.34 33.15 -28.88
CA ASP A 132 -23.99 33.60 -30.11
C ASP A 132 -25.29 34.32 -29.84
N THR A 133 -25.91 34.06 -28.70
CA THR A 133 -27.07 34.83 -28.26
C THR A 133 -26.69 36.27 -27.97
N TYR A 134 -25.47 36.49 -27.47
CA TYR A 134 -24.93 37.82 -27.37
C TYR A 134 -24.46 38.36 -28.71
N LEU A 135 -24.23 37.47 -29.69
CA LEU A 135 -23.69 37.90 -30.97
C LEU A 135 -24.78 38.18 -31.99
N HIS A 136 -25.78 37.30 -32.06
CA HIS A 136 -26.86 37.44 -33.03
C HIS A 136 -28.11 38.11 -32.45
N LEU A 137 -28.19 38.21 -31.12
CA LEU A 137 -29.26 38.89 -30.38
C LEU A 137 -30.65 38.27 -30.59
N HIS A 138 -30.70 37.01 -31.02
CA HIS A 138 -31.93 36.23 -30.93
C HIS A 138 -31.54 34.77 -30.76
N TRP A 139 -32.26 34.08 -29.88
CA TRP A 139 -31.95 32.70 -29.54
C TRP A 139 -32.27 31.78 -30.71
N ARG A 140 -31.22 31.27 -31.36
CA ARG A 140 -31.36 30.58 -32.64
C ARG A 140 -31.99 29.19 -32.51
N THR A 141 -32.13 28.65 -31.32
CA THR A 141 -32.81 27.38 -31.13
C THR A 141 -34.22 27.63 -30.60
N GLY A 142 -34.92 26.57 -30.22
CA GLY A 142 -36.31 26.67 -29.85
C GLY A 142 -36.53 26.96 -28.38
N ALA A 143 -37.80 26.90 -27.98
CA ALA A 143 -38.19 27.15 -26.60
C ALA A 143 -37.93 25.96 -25.69
N THR A 144 -37.96 24.73 -26.23
CA THR A 144 -37.77 23.55 -25.39
C THR A 144 -36.29 23.30 -25.12
N PHE A 145 -35.40 23.94 -25.89
CA PHE A 145 -34.00 23.94 -25.49
C PHE A 145 -33.72 25.08 -24.52
N CYS A 146 -34.47 26.18 -24.63
CA CYS A 146 -34.35 27.27 -23.66
C CYS A 146 -34.83 26.83 -22.28
N ARG A 147 -35.87 25.99 -22.23
CA ARG A 147 -36.39 25.48 -20.97
C ARG A 147 -35.39 24.60 -20.24
N VAL A 148 -34.50 23.92 -20.97
CA VAL A 148 -33.50 23.09 -20.32
C VAL A 148 -32.19 23.85 -20.13
N PHE A 149 -31.93 24.87 -20.95
CA PHE A 149 -30.78 25.74 -20.73
C PHE A 149 -30.94 26.52 -19.43
N GLY A 150 -32.16 27.00 -19.15
CA GLY A 150 -32.40 27.69 -17.90
C GLY A 150 -32.30 26.81 -16.67
N LEU A 151 -32.47 25.50 -16.83
CA LEU A 151 -32.27 24.60 -15.71
C LEU A 151 -30.80 24.25 -15.54
N LEU A 152 -30.11 23.95 -16.65
CA LEU A 152 -28.71 23.57 -16.59
C LEU A 152 -27.82 24.72 -16.15
N LEU A 153 -28.14 25.95 -16.57
CA LEU A 153 -27.31 27.11 -16.22
C LEU A 153 -27.35 27.40 -14.73
N PHE A 154 -28.48 27.16 -14.10
CA PHE A 154 -28.59 27.42 -12.68
C PHE A 154 -28.23 26.20 -11.84
N ALA A 155 -28.33 24.99 -12.39
CA ALA A 155 -27.79 23.84 -11.70
C ALA A 155 -26.27 23.82 -11.72
N SER A 156 -25.65 24.17 -12.84
CA SER A 156 -24.20 24.27 -12.97
C SER A 156 -23.61 25.45 -12.21
N ASN A 157 -24.42 26.27 -11.57
CA ASN A 157 -23.95 27.29 -10.64
C ASN A 157 -24.30 26.97 -9.20
N SER A 158 -25.45 26.34 -8.94
CA SER A 158 -25.77 25.94 -7.57
C SER A 158 -24.90 24.80 -7.09
N VAL A 159 -24.56 23.86 -7.98
CA VAL A 159 -23.63 22.79 -7.62
C VAL A 159 -22.25 23.36 -7.36
N SER A 160 -21.83 24.33 -8.17
CA SER A 160 -20.52 24.95 -8.01
C SER A 160 -20.44 25.76 -6.72
N ILE A 161 -21.53 26.43 -6.34
CA ILE A 161 -21.52 27.24 -5.12
C ILE A 161 -21.54 26.35 -3.89
N LEU A 162 -22.37 25.30 -3.89
CA LEU A 162 -22.35 24.40 -2.75
C LEU A 162 -21.09 23.55 -2.70
N THR A 163 -20.43 23.34 -3.83
CA THR A 163 -19.15 22.66 -3.80
C THR A 163 -18.04 23.54 -3.25
N LEU A 164 -18.08 24.86 -3.54
CA LEU A 164 -17.17 25.79 -2.88
C LEU A 164 -17.42 25.82 -1.38
N CYS A 165 -18.70 25.81 -0.97
CA CYS A 165 -19.03 25.82 0.44
C CYS A 165 -18.67 24.50 1.12
N LEU A 166 -18.52 23.42 0.37
CA LEU A 166 -18.04 22.16 0.93
C LEU A 166 -16.51 22.06 0.91
N ILE A 167 -15.85 22.67 -0.08
CA ILE A 167 -14.40 22.74 -0.11
C ILE A 167 -13.89 23.58 1.05
N ALA A 168 -14.61 24.65 1.40
CA ALA A 168 -14.21 25.45 2.56
C ALA A 168 -14.35 24.67 3.86
N LEU A 169 -15.38 23.82 3.98
CA LEU A 169 -15.50 22.98 5.16
C LEU A 169 -14.48 21.85 5.15
N GLY A 170 -14.15 21.31 3.97
CA GLY A 170 -13.14 20.28 3.87
C GLY A 170 -11.73 20.79 3.98
N ARG A 171 -11.55 22.11 3.92
CA ARG A 171 -10.26 22.72 4.22
C ARG A 171 -10.17 23.18 5.66
N TYR A 172 -11.28 23.60 6.27
CA TYR A 172 -11.28 23.90 7.69
C TYR A 172 -11.14 22.62 8.50
N LEU A 173 -11.73 21.52 8.04
CA LEU A 173 -11.67 20.28 8.78
C LEU A 173 -10.33 19.57 8.61
N LEU A 174 -9.67 19.74 7.47
CA LEU A 174 -8.39 19.10 7.24
C LEU A 174 -7.26 19.83 7.96
N ILE A 175 -7.54 20.97 8.60
CA ILE A 175 -6.54 21.78 9.27
C ILE A 175 -6.86 21.94 10.75
N ALA A 176 -8.08 22.36 11.08
CA ALA A 176 -8.39 22.67 12.48
C ALA A 176 -8.77 21.42 13.26
N HIS A 177 -9.68 20.60 12.73
CA HIS A 177 -10.14 19.38 13.40
C HIS A 177 -9.87 18.18 12.52
N PRO A 178 -8.60 17.76 12.39
CA PRO A 178 -8.28 16.67 11.46
C PRO A 178 -8.69 15.29 11.94
N LYS A 179 -9.12 15.17 13.20
CA LYS A 179 -9.76 13.96 13.71
C LYS A 179 -11.24 13.88 13.34
N LEU A 180 -11.79 14.92 12.69
CA LEU A 180 -13.18 14.94 12.30
C LEU A 180 -13.39 14.90 10.80
N PHE A 181 -12.31 14.98 10.00
CA PHE A 181 -12.46 14.99 8.55
C PHE A 181 -12.86 13.63 7.95
N PRO A 182 -12.38 12.48 8.41
CA PRO A 182 -13.05 11.24 7.99
C PRO A 182 -14.13 10.73 8.95
N GLN A 183 -14.47 11.47 10.00
CA GLN A 183 -15.72 11.22 10.70
C GLN A 183 -16.90 11.89 10.01
N VAL A 184 -16.63 12.83 9.11
CA VAL A 184 -17.65 13.50 8.31
C VAL A 184 -17.59 13.04 6.86
N PHE A 185 -16.41 13.08 6.26
CA PHE A 185 -16.20 12.59 4.90
C PHE A 185 -15.72 11.15 4.99
N SER A 186 -16.65 10.22 5.06
CA SER A 186 -16.32 8.80 5.18
C SER A 186 -16.03 8.24 3.79
N ALA A 187 -16.00 6.90 3.67
CA ALA A 187 -15.68 6.28 2.39
C ALA A 187 -16.80 6.43 1.38
N LYS A 188 -18.04 6.51 1.85
CA LYS A 188 -19.16 6.84 0.98
C LYS A 188 -20.08 7.90 1.57
N GLY A 189 -19.66 8.59 2.64
CA GLY A 189 -20.21 9.90 2.93
C GLY A 189 -19.72 10.97 1.97
N ILE A 190 -18.58 10.73 1.31
CA ILE A 190 -18.10 11.63 0.28
C ILE A 190 -19.04 11.60 -0.93
N VAL A 191 -19.49 10.40 -1.34
CA VAL A 191 -20.37 10.33 -2.50
C VAL A 191 -21.77 10.82 -2.14
N LEU A 192 -22.14 10.70 -0.85
CA LEU A 192 -23.38 11.28 -0.37
C LEU A 192 -23.33 12.80 -0.43
N ALA A 193 -22.19 13.38 0.00
CA ALA A 193 -22.03 14.82 -0.08
C ALA A 193 -21.83 15.32 -1.51
N LEU A 194 -21.41 14.46 -2.43
CA LEU A 194 -21.32 14.90 -3.82
C LEU A 194 -22.67 14.82 -4.51
N VAL A 195 -23.51 13.83 -4.16
CA VAL A 195 -24.82 13.78 -4.80
C VAL A 195 -25.80 14.72 -4.13
N SER A 196 -25.55 15.14 -2.90
CA SER A 196 -26.44 16.14 -2.31
C SER A 196 -26.13 17.56 -2.78
N THR A 197 -25.14 17.74 -3.64
CA THR A 197 -24.99 18.98 -4.38
C THR A 197 -25.82 18.95 -5.66
N TRP A 198 -25.88 17.79 -6.33
CA TRP A 198 -26.61 17.70 -7.59
C TRP A 198 -28.10 17.44 -7.40
N VAL A 199 -28.54 16.93 -6.24
CA VAL A 199 -29.97 16.76 -6.03
C VAL A 199 -30.51 17.95 -5.25
N VAL A 200 -29.67 18.96 -5.07
CA VAL A 200 -30.12 20.27 -4.63
C VAL A 200 -29.99 21.31 -5.74
N GLY A 201 -29.00 21.16 -6.62
CA GLY A 201 -28.88 22.06 -7.77
C GLY A 201 -29.95 21.87 -8.83
N VAL A 202 -30.54 20.67 -8.93
CA VAL A 202 -31.58 20.44 -9.93
C VAL A 202 -32.96 20.26 -9.32
N ALA A 203 -33.08 20.10 -8.01
CA ALA A 203 -34.39 19.96 -7.39
C ALA A 203 -34.86 21.23 -6.72
N SER A 204 -34.05 22.29 -6.72
CA SER A 204 -34.52 23.61 -6.31
C SER A 204 -34.81 24.51 -7.50
N PHE A 205 -34.34 24.15 -8.69
CA PHE A 205 -34.58 24.92 -9.90
C PHE A 205 -35.49 24.21 -10.88
N ALA A 206 -35.97 23.02 -10.56
CA ALA A 206 -36.99 22.35 -11.36
C ALA A 206 -38.40 22.92 -11.20
N PRO A 207 -38.85 23.42 -10.02
CA PRO A 207 -40.13 24.16 -10.02
C PRO A 207 -40.16 25.42 -10.86
N LEU A 208 -39.01 25.98 -11.25
CA LEU A 208 -38.98 27.11 -12.17
C LEU A 208 -38.79 26.69 -13.61
N TRP A 209 -39.25 25.49 -13.97
CA TRP A 209 -39.13 25.00 -15.34
C TRP A 209 -39.88 25.81 -16.40
N PRO A 210 -41.17 26.18 -16.25
CA PRO A 210 -41.85 26.82 -17.39
C PRO A 210 -41.43 28.26 -17.65
N ILE A 211 -40.74 28.90 -16.71
CA ILE A 211 -40.45 30.33 -16.82
C ILE A 211 -39.04 30.59 -17.35
N TYR A 212 -38.37 29.55 -17.87
CA TYR A 212 -37.03 29.73 -18.43
C TYR A 212 -37.16 30.33 -19.83
N ILE A 213 -37.29 31.65 -19.88
CA ILE A 213 -37.51 32.37 -21.12
C ILE A 213 -36.22 33.08 -21.51
N LEU A 214 -36.17 33.52 -22.76
CA LEU A 214 -35.01 34.29 -23.20
C LEU A 214 -35.15 35.70 -22.64
N VAL A 215 -34.49 35.97 -21.52
CA VAL A 215 -34.51 37.32 -20.96
C VAL A 215 -33.55 38.17 -21.78
N PRO A 216 -34.03 39.24 -22.42
CA PRO A 216 -33.13 40.10 -23.19
C PRO A 216 -32.36 41.09 -22.32
N VAL A 217 -32.79 41.27 -21.07
CA VAL A 217 -32.04 42.11 -20.14
C VAL A 217 -30.71 41.47 -19.80
N VAL A 218 -30.74 40.17 -19.49
CA VAL A 218 -29.52 39.39 -19.35
C VAL A 218 -29.03 38.92 -20.72
N CYS A 219 -29.92 38.91 -21.71
CA CYS A 219 -29.71 38.38 -23.07
C CYS A 219 -29.32 36.91 -23.04
N THR A 220 -29.96 36.13 -22.18
CA THR A 220 -29.71 34.70 -22.08
C THR A 220 -31.01 34.03 -21.64
N CYS A 221 -31.13 32.75 -21.95
CA CYS A 221 -32.21 31.93 -21.41
C CYS A 221 -32.05 31.85 -19.90
N SER A 222 -32.99 32.43 -19.16
CA SER A 222 -32.95 32.42 -17.71
C SER A 222 -34.38 32.52 -17.19
N PHE A 223 -34.51 32.50 -15.87
CA PHE A 223 -35.80 32.83 -15.29
C PHE A 223 -36.08 34.32 -15.48
N ASP A 224 -37.36 34.68 -15.52
CA ASP A 224 -37.74 36.09 -15.56
C ASP A 224 -37.99 36.59 -14.14
N ARG A 225 -37.59 37.83 -13.88
CA ARG A 225 -37.48 38.31 -12.51
C ARG A 225 -38.79 38.84 -11.95
N ILE A 226 -39.86 38.85 -12.73
CA ILE A 226 -41.18 39.20 -12.23
C ILE A 226 -41.95 37.95 -11.81
N ARG A 227 -41.89 36.91 -12.64
CA ARG A 227 -42.60 35.67 -12.34
C ARG A 227 -41.89 34.85 -11.26
N GLY A 228 -40.57 34.97 -11.15
CA GLY A 228 -39.82 34.22 -10.16
C GLY A 228 -40.05 34.64 -8.73
N ARG A 229 -40.65 35.80 -8.50
CA ARG A 229 -40.94 36.25 -7.15
C ARG A 229 -42.06 35.42 -6.55
N PRO A 230 -42.04 35.19 -5.22
CA PRO A 230 -40.97 35.53 -4.28
C PRO A 230 -40.05 34.36 -3.98
N TYR A 231 -40.20 33.27 -4.74
CA TYR A 231 -39.44 32.06 -4.44
C TYR A 231 -37.98 32.19 -4.88
N THR A 232 -37.74 32.87 -6.00
CA THR A 232 -36.37 32.93 -6.51
C THR A 232 -35.52 33.93 -5.74
N THR A 233 -36.12 35.01 -5.22
CA THR A 233 -35.36 35.90 -4.33
C THR A 233 -35.08 35.24 -3.00
N ILE A 234 -35.99 34.39 -2.51
CA ILE A 234 -35.74 33.59 -1.31
C ILE A 234 -34.60 32.61 -1.57
N LEU A 235 -34.56 32.04 -2.78
CA LEU A 235 -33.50 31.10 -3.15
C LEU A 235 -32.15 31.80 -3.26
N MET A 236 -32.10 32.98 -3.87
CA MET A 236 -30.86 33.72 -3.97
C MET A 236 -30.41 34.26 -2.62
N GLY A 237 -31.34 34.62 -1.73
CA GLY A 237 -30.96 34.99 -0.38
C GLY A 237 -30.44 33.83 0.43
N ILE A 238 -30.98 32.63 0.21
CA ILE A 238 -30.46 31.43 0.85
C ILE A 238 -29.06 31.12 0.36
N TYR A 239 -28.82 31.26 -0.95
CA TYR A 239 -27.47 31.06 -1.48
C TYR A 239 -26.54 32.22 -1.19
N PHE A 240 -27.05 33.35 -0.72
CA PHE A 240 -26.22 34.42 -0.19
C PHE A 240 -25.79 34.13 1.24
N VAL A 241 -26.75 33.81 2.12
CA VAL A 241 -26.43 33.68 3.55
C VAL A 241 -25.76 32.36 3.90
N LEU A 242 -25.53 31.47 2.93
CA LEU A 242 -24.62 30.36 3.14
C LEU A 242 -23.43 30.37 2.18
N GLY A 243 -23.54 31.07 1.06
CA GLY A 243 -22.39 31.28 0.21
C GLY A 243 -21.36 32.23 0.79
N LEU A 244 -21.76 33.04 1.78
CA LEU A 244 -20.86 33.98 2.43
C LEU A 244 -20.58 33.65 3.89
N SER A 245 -21.31 32.70 4.46
CA SER A 245 -20.99 32.17 5.78
C SER A 245 -20.13 30.93 5.71
N SER A 246 -19.69 30.54 4.51
CA SER A 246 -18.85 29.36 4.34
C SER A 246 -17.51 29.68 3.73
N VAL A 247 -17.49 30.46 2.63
CA VAL A 247 -16.21 30.82 2.02
C VAL A 247 -15.55 31.97 2.75
N GLY A 248 -16.24 32.60 3.70
CA GLY A 248 -15.67 33.68 4.46
C GLY A 248 -15.35 33.30 5.89
N ILE A 249 -16.19 32.47 6.49
CA ILE A 249 -15.96 32.08 7.88
C ILE A 249 -14.90 30.99 7.98
N PHE A 250 -14.96 30.00 7.09
CA PHE A 250 -13.99 28.91 7.17
C PHE A 250 -12.62 29.35 6.70
N TYR A 251 -12.55 30.18 5.66
CA TYR A 251 -11.27 30.66 5.19
C TYR A 251 -10.66 31.72 6.09
N CYS A 252 -11.41 32.25 7.06
CA CYS A 252 -10.81 33.09 8.08
C CYS A 252 -10.47 32.33 9.34
N LEU A 253 -11.21 31.27 9.68
CA LEU A 253 -10.80 30.41 10.79
C LEU A 253 -9.55 29.62 10.44
N ILE A 254 -9.36 29.30 9.15
CA ILE A 254 -8.12 28.67 8.69
C ILE A 254 -6.93 29.61 8.91
N HIS A 255 -7.11 30.88 8.55
CA HIS A 255 -6.04 31.86 8.73
C HIS A 255 -5.78 32.14 10.19
N ARG A 256 -6.83 32.13 11.02
CA ARG A 256 -6.68 32.29 12.45
C ARG A 256 -5.91 31.11 13.05
N GLN A 257 -6.16 29.89 12.56
CA GLN A 257 -5.44 28.74 13.06
C GLN A 257 -3.97 28.74 12.63
N VAL A 258 -3.70 29.19 11.40
CA VAL A 258 -2.32 29.27 10.92
C VAL A 258 -1.53 30.32 11.70
N LYS A 259 -2.13 31.49 11.94
CA LYS A 259 -1.48 32.53 12.72
C LYS A 259 -1.32 32.11 14.18
N ARG A 260 -2.31 31.41 14.74
CA ARG A 260 -2.22 30.94 16.12
C ARG A 260 -1.18 29.84 16.28
N ALA A 261 -0.92 29.07 15.22
CA ALA A 261 0.14 28.08 15.29
C ALA A 261 1.51 28.71 15.18
N ALA A 262 1.68 29.64 14.25
CA ALA A 262 2.98 30.30 14.11
C ALA A 262 3.26 31.32 15.21
N GLN A 263 2.26 31.70 16.00
CA GLN A 263 2.46 32.64 17.09
C GLN A 263 2.71 31.95 18.43
N ALA A 264 2.89 30.62 18.44
CA ALA A 264 3.29 29.93 19.65
C ALA A 264 4.77 29.61 19.66
N LEU A 265 5.49 29.97 18.60
CA LEU A 265 6.94 29.81 18.51
C LEU A 265 7.66 31.12 18.78
N ASP A 266 7.13 31.94 19.67
CA ASP A 266 7.73 33.21 20.02
C ASP A 266 8.04 33.32 21.51
N GLN A 267 7.63 32.35 22.31
CA GLN A 267 8.11 32.22 23.68
C GLN A 267 9.41 31.42 23.74
N TYR A 268 9.84 30.85 22.62
CA TYR A 268 11.05 30.05 22.52
C TYR A 268 12.04 30.71 21.56
N LYS A 269 12.13 32.04 21.62
CA LYS A 269 13.02 32.81 20.79
C LYS A 269 13.82 33.77 21.66
N LEU A 270 15.14 33.84 21.38
CA LEU A 270 16.12 34.67 22.08
C LEU A 270 16.12 34.40 23.59
N PHE A 367 2.09 32.36 7.03
CA PHE A 367 0.86 33.09 6.79
C PHE A 367 1.06 34.15 5.71
N GLY A 368 2.14 34.03 4.95
CA GLY A 368 2.40 34.98 3.88
C GLY A 368 1.66 34.66 2.61
N LYS A 369 1.72 33.40 2.18
CA LYS A 369 0.95 32.95 1.04
C LYS A 369 -0.39 32.34 1.43
N VAL A 370 -0.55 31.98 2.70
CA VAL A 370 -1.85 31.53 3.19
C VAL A 370 -2.85 32.67 3.18
N THR A 371 -2.40 33.89 3.51
CA THR A 371 -3.28 35.06 3.45
C THR A 371 -3.61 35.43 2.02
N ARG A 372 -2.63 35.32 1.11
CA ARG A 372 -2.89 35.62 -0.29
C ARG A 372 -3.84 34.62 -0.92
N MET A 373 -3.75 33.35 -0.52
CA MET A 373 -4.69 32.36 -1.03
C MET A 373 -6.07 32.51 -0.40
N CYS A 374 -6.13 32.84 0.89
CA CYS A 374 -7.41 33.06 1.55
C CYS A 374 -8.10 34.33 1.09
N PHE A 375 -7.36 35.28 0.51
CA PHE A 375 -7.98 36.40 -0.18
C PHE A 375 -8.31 36.09 -1.63
N ALA A 376 -7.51 35.26 -2.30
CA ALA A 376 -7.79 34.95 -3.69
C ALA A 376 -8.97 34.01 -3.85
N VAL A 377 -9.30 33.22 -2.84
CA VAL A 377 -10.49 32.37 -2.91
C VAL A 377 -11.70 33.03 -2.25
N PHE A 378 -11.59 34.31 -1.88
CA PHE A 378 -12.73 35.07 -1.42
C PHE A 378 -13.08 36.24 -2.33
N LEU A 379 -12.08 36.90 -2.92
CA LEU A 379 -12.40 37.96 -3.86
C LEU A 379 -12.89 37.39 -5.18
N CYS A 380 -12.31 36.27 -5.63
CA CYS A 380 -12.74 35.65 -6.87
C CYS A 380 -14.07 34.93 -6.74
N PHE A 381 -14.56 34.71 -5.51
CA PHE A 381 -15.95 34.34 -5.30
C PHE A 381 -16.81 35.59 -5.23
N ALA A 382 -16.35 36.61 -4.49
CA ALA A 382 -17.10 37.84 -4.30
C ALA A 382 -17.22 38.67 -5.57
N LEU A 383 -16.31 38.47 -6.52
CA LEU A 383 -16.43 39.14 -7.81
C LEU A 383 -17.45 38.48 -8.71
N SER A 384 -17.90 37.26 -8.38
CA SER A 384 -18.79 36.51 -9.26
C SER A 384 -20.25 36.58 -8.82
N TYR A 385 -20.55 36.14 -7.59
CA TYR A 385 -21.93 35.87 -7.24
C TYR A 385 -22.59 36.94 -6.38
N ILE A 386 -21.84 37.77 -5.69
CA ILE A 386 -22.45 38.85 -4.90
C ILE A 386 -23.01 39.97 -5.78
N PRO A 387 -22.38 40.43 -6.89
CA PRO A 387 -23.09 41.38 -7.76
C PRO A 387 -24.38 40.86 -8.36
N PHE A 388 -24.42 39.61 -8.85
CA PHE A 388 -25.65 39.05 -9.39
C PHE A 388 -26.70 38.87 -8.31
N LEU A 389 -26.30 38.31 -7.16
CA LEU A 389 -27.24 38.03 -6.09
C LEU A 389 -27.67 39.29 -5.35
N LEU A 390 -26.96 40.39 -5.52
CA LEU A 390 -27.37 41.67 -4.94
C LEU A 390 -28.19 42.50 -5.91
N LEU A 391 -27.93 42.37 -7.21
CA LEU A 391 -28.78 43.03 -8.19
C LEU A 391 -30.15 42.37 -8.24
N ASN A 392 -30.19 41.06 -8.53
CA ASN A 392 -31.44 40.38 -8.83
C ASN A 392 -32.27 40.03 -7.59
N ILE A 393 -31.98 40.60 -6.42
CA ILE A 393 -32.85 40.50 -5.26
C ILE A 393 -33.56 41.81 -4.99
N LEU A 394 -32.82 42.92 -4.92
CA LEU A 394 -33.42 44.21 -4.63
C LEU A 394 -34.10 44.84 -5.84
N ASP A 395 -33.85 44.33 -7.04
CA ASP A 395 -34.46 44.85 -8.26
C ASP A 395 -35.82 44.19 -8.42
N ALA A 396 -36.85 44.80 -7.81
CA ALA A 396 -38.20 44.24 -7.87
C ALA A 396 -38.76 44.32 -9.29
N ARG A 397 -38.72 45.50 -9.88
CA ARG A 397 -38.95 45.63 -11.31
C ARG A 397 -37.61 45.46 -12.03
N VAL A 398 -37.56 45.79 -13.32
CA VAL A 398 -36.33 45.61 -14.08
C VAL A 398 -35.91 47.02 -14.49
N GLN A 399 -36.12 47.99 -13.59
CA GLN A 399 -35.83 49.38 -13.89
C GLN A 399 -34.34 49.67 -14.03
N ALA A 400 -33.48 48.78 -13.54
CA ALA A 400 -32.04 48.89 -13.78
C ALA A 400 -31.74 48.68 -15.26
N PRO A 401 -30.70 49.32 -15.79
CA PRO A 401 -30.41 49.22 -17.22
C PRO A 401 -29.97 47.82 -17.65
N ARG A 402 -29.84 47.67 -18.96
CA ARG A 402 -29.45 46.39 -19.54
C ARG A 402 -27.98 46.09 -19.30
N VAL A 403 -27.12 47.12 -19.31
CA VAL A 403 -25.70 46.87 -19.21
C VAL A 403 -25.27 46.54 -17.78
N VAL A 404 -25.99 47.03 -16.77
CA VAL A 404 -25.63 46.64 -15.41
C VAL A 404 -26.07 45.19 -15.15
N HIS A 405 -27.14 44.74 -15.80
CA HIS A 405 -27.56 43.34 -15.65
C HIS A 405 -26.63 42.42 -16.42
N MET A 406 -26.18 42.83 -17.59
CA MET A 406 -25.22 42.03 -18.33
C MET A 406 -23.84 42.06 -17.68
N LEU A 407 -23.52 43.11 -16.94
CA LEU A 407 -22.29 43.12 -16.13
C LEU A 407 -22.41 42.16 -14.95
N ALA A 408 -23.53 42.21 -14.22
CA ALA A 408 -23.71 41.34 -13.07
C ALA A 408 -23.88 39.88 -13.46
N ALA A 409 -24.26 39.60 -14.70
CA ALA A 409 -24.35 38.22 -15.16
C ALA A 409 -23.14 37.76 -15.96
N ASN A 410 -22.29 38.67 -16.44
CA ASN A 410 -21.03 38.29 -17.04
C ASN A 410 -19.92 38.15 -16.01
N LEU A 411 -20.21 38.46 -14.74
CA LEU A 411 -19.28 38.22 -13.65
C LEU A 411 -19.38 36.80 -13.11
N THR A 412 -20.51 36.13 -13.31
CA THR A 412 -20.63 34.74 -12.91
C THR A 412 -19.97 33.78 -13.89
N TRP A 413 -19.48 34.27 -15.02
CA TRP A 413 -18.67 33.45 -15.93
C TRP A 413 -17.23 33.36 -15.46
N LEU A 414 -16.84 34.18 -14.48
CA LEU A 414 -15.50 34.10 -13.91
C LEU A 414 -15.32 32.84 -13.10
N ASN A 415 -16.41 32.31 -12.55
CA ASN A 415 -16.35 31.13 -11.69
C ASN A 415 -16.00 29.87 -12.47
N GLY A 416 -16.14 29.91 -13.79
CA GLY A 416 -15.67 28.80 -14.60
C GLY A 416 -14.27 28.96 -15.14
N CYS A 417 -13.62 30.08 -14.84
CA CYS A 417 -12.22 30.31 -15.21
C CYS A 417 -11.29 30.33 -14.02
N ILE A 418 -11.71 30.94 -12.91
CA ILE A 418 -10.78 31.13 -11.79
C ILE A 418 -10.68 29.87 -10.95
N ASN A 419 -11.63 28.95 -11.11
CA ASN A 419 -11.57 27.70 -10.36
C ASN A 419 -10.54 26.70 -10.88
N PRO A 420 -10.26 26.55 -12.20
CA PRO A 420 -9.11 25.71 -12.58
C PRO A 420 -7.75 26.31 -12.29
N VAL A 421 -7.69 27.58 -11.90
CA VAL A 421 -6.42 28.19 -11.52
C VAL A 421 -6.30 28.41 -10.02
N LEU A 422 -7.40 28.42 -9.27
CA LEU A 422 -7.27 28.49 -7.82
C LEU A 422 -7.14 27.11 -7.19
N TYR A 423 -7.82 26.12 -7.74
CA TYR A 423 -7.96 24.83 -7.08
C TYR A 423 -7.19 23.71 -7.76
N ALA A 424 -6.64 23.95 -8.94
CA ALA A 424 -5.82 22.96 -9.62
C ALA A 424 -4.39 23.44 -9.82
N ALA A 425 -4.20 24.62 -10.41
CA ALA A 425 -2.86 25.10 -10.70
C ALA A 425 -2.12 25.55 -9.45
N MET A 426 -2.83 25.83 -8.36
CA MET A 426 -2.19 26.20 -7.10
C MET A 426 -2.09 25.05 -6.12
N ASN A 427 -2.91 24.01 -6.28
CA ASN A 427 -2.80 22.83 -5.44
C ASN A 427 -1.51 22.09 -5.77
N ARG A 428 -0.74 21.75 -4.75
CA ARG A 428 0.54 21.09 -4.97
C ARG A 428 0.37 19.66 -5.47
N GLN A 429 -0.71 18.99 -5.05
CA GLN A 429 -1.00 17.64 -5.50
C GLN A 429 -1.24 17.59 -7.01
N PHE A 430 -1.95 18.58 -7.55
CA PHE A 430 -2.29 18.54 -8.97
C PHE A 430 -1.08 18.90 -9.84
N ARG A 431 -0.24 19.82 -9.37
CA ARG A 431 0.97 20.12 -10.12
C ARG A 431 1.97 18.98 -10.04
N GLN A 432 2.06 18.31 -8.88
CA GLN A 432 2.86 17.10 -8.77
C GLN A 432 2.32 15.98 -9.64
N ALA A 433 1.00 15.94 -9.83
CA ALA A 433 0.38 14.97 -10.73
C ALA A 433 0.73 15.26 -12.18
N TYR A 434 0.71 16.54 -12.57
CA TYR A 434 1.17 16.91 -13.90
C TYR A 434 2.64 16.54 -14.10
N GLY A 435 3.46 16.72 -13.07
CA GLY A 435 4.86 16.33 -13.17
C GLY A 435 5.06 14.83 -13.27
N SER A 436 4.27 14.06 -12.53
CA SER A 436 4.38 12.60 -12.60
C SER A 436 3.88 12.07 -13.93
N ILE A 437 2.86 12.71 -14.51
CA ILE A 437 2.39 12.32 -15.84
C ILE A 437 3.44 12.67 -16.90
N LEU A 438 3.99 13.88 -16.83
CA LEU A 438 5.02 14.33 -17.75
C LEU A 438 6.36 13.62 -17.54
N LYS A 439 6.52 12.89 -16.44
CA LYS A 439 7.69 12.04 -16.24
C LYS A 439 7.44 10.62 -16.69
N ARG A 440 6.25 10.08 -16.42
CA ARG A 440 5.91 8.72 -16.84
C ARG A 440 5.66 8.62 -18.34
N THR B 4 -21.97 -14.61 -12.31
CA THR B 4 -20.75 -13.83 -12.29
C THR B 4 -19.63 -14.60 -11.60
N LEU B 5 -19.66 -14.59 -10.27
CA LEU B 5 -18.70 -15.30 -9.44
C LEU B 5 -19.42 -16.38 -8.64
N SER B 6 -18.66 -17.36 -8.19
CA SER B 6 -19.18 -18.41 -7.32
C SER B 6 -19.44 -17.87 -5.93
N ALA B 7 -20.07 -18.70 -5.09
CA ALA B 7 -20.42 -18.24 -3.74
C ALA B 7 -19.20 -18.07 -2.87
N GLU B 8 -18.20 -18.93 -3.06
CA GLU B 8 -16.96 -18.81 -2.31
C GLU B 8 -16.09 -17.68 -2.83
N ASP B 9 -16.14 -17.42 -4.14
CA ASP B 9 -15.45 -16.26 -4.70
C ASP B 9 -16.05 -14.96 -4.16
N LYS B 10 -17.37 -14.91 -4.02
CA LYS B 10 -18.00 -13.69 -3.53
C LYS B 10 -17.75 -13.50 -2.04
N ALA B 11 -17.68 -14.59 -1.28
CA ALA B 11 -17.33 -14.44 0.13
C ALA B 11 -15.85 -14.09 0.31
N ALA B 12 -14.99 -14.54 -0.63
CA ALA B 12 -13.60 -14.12 -0.64
C ALA B 12 -13.45 -12.64 -0.95
N VAL B 13 -14.25 -12.14 -1.90
CA VAL B 13 -14.21 -10.72 -2.23
C VAL B 13 -14.74 -9.88 -1.07
N GLU B 14 -15.74 -10.38 -0.35
CA GLU B 14 -16.22 -9.70 0.84
C GLU B 14 -15.16 -9.67 1.95
N ARG B 15 -14.40 -10.76 2.10
CA ARG B 15 -13.29 -10.78 3.04
C ARG B 15 -12.21 -9.79 2.65
N SER B 16 -11.87 -9.71 1.37
CA SER B 16 -10.89 -8.74 0.88
C SER B 16 -11.36 -7.30 1.08
N LYS B 17 -12.66 -7.04 0.96
CA LYS B 17 -13.18 -5.71 1.27
C LYS B 17 -13.05 -5.37 2.75
N MET B 18 -13.27 -6.36 3.63
CA MET B 18 -13.05 -6.11 5.06
C MET B 18 -11.58 -5.86 5.38
N ILE B 19 -10.67 -6.55 4.66
CA ILE B 19 -9.24 -6.30 4.77
C ILE B 19 -8.91 -4.87 4.35
N ASP B 20 -9.49 -4.41 3.22
CA ASP B 20 -9.26 -3.05 2.75
C ASP B 20 -9.77 -2.00 3.73
N ARG B 21 -10.93 -2.27 4.36
CA ARG B 21 -11.48 -1.33 5.33
C ARG B 21 -10.59 -1.20 6.56
N ASN B 22 -10.07 -2.32 7.05
CA ASN B 22 -9.20 -2.23 8.22
C ASN B 22 -7.84 -1.64 7.86
N LEU B 23 -7.36 -1.88 6.63
CA LEU B 23 -6.14 -1.25 6.16
C LEU B 23 -6.28 0.26 6.09
N ARG B 24 -7.40 0.75 5.56
CA ARG B 24 -7.57 2.20 5.40
C ARG B 24 -7.78 2.89 6.74
N GLU B 25 -8.53 2.27 7.66
CA GLU B 25 -8.71 2.94 8.93
C GLU B 25 -7.45 2.91 9.78
N ASP B 26 -6.65 1.83 9.70
CA ASP B 26 -5.36 1.82 10.36
C ASP B 26 -4.38 2.80 9.73
N GLY B 27 -4.45 2.97 8.40
CA GLY B 27 -3.58 3.92 7.73
C GLY B 27 -3.90 5.36 8.04
N GLU B 28 -5.18 5.68 8.27
CA GLU B 28 -5.51 7.05 8.68
C GLU B 28 -5.15 7.27 10.15
N LYS B 29 -5.36 6.27 11.00
CA LYS B 29 -4.93 6.35 12.40
C LYS B 29 -3.41 6.49 12.52
N ALA B 30 -2.67 5.95 11.54
CA ALA B 30 -1.22 6.12 11.50
C ALA B 30 -0.80 7.41 10.80
N ALA B 31 -1.62 7.95 9.91
CA ALA B 31 -1.32 9.24 9.31
C ALA B 31 -1.57 10.39 10.25
N ARG B 32 -2.32 10.17 11.33
CA ARG B 32 -2.39 11.16 12.39
C ARG B 32 -1.32 10.97 13.46
N GLU B 33 -0.20 10.34 13.12
CA GLU B 33 0.90 10.12 14.07
C GLU B 33 2.06 11.03 13.75
N VAL B 34 2.79 11.42 14.79
CA VAL B 34 3.95 12.28 14.66
C VAL B 34 5.19 11.41 14.76
N LYS B 35 5.92 11.25 13.66
CA LYS B 35 7.06 10.35 13.62
C LYS B 35 8.35 11.16 13.56
N LEU B 36 9.08 11.19 14.67
CA LEU B 36 10.26 12.03 14.86
C LEU B 36 11.52 11.16 14.81
N LEU B 37 12.41 11.46 13.88
CA LEU B 37 13.68 10.75 13.79
C LEU B 37 14.70 11.46 14.69
N LEU B 38 15.26 10.74 15.65
CA LEU B 38 16.15 11.33 16.64
C LEU B 38 17.60 11.17 16.20
N LEU B 39 18.33 12.27 16.13
CA LEU B 39 19.68 12.28 15.60
C LEU B 39 20.57 13.20 16.41
N GLY B 40 21.87 13.00 16.28
CA GLY B 40 22.85 13.76 17.02
C GLY B 40 24.11 12.95 17.20
N ALA B 41 24.95 13.43 18.13
CA ALA B 41 26.16 12.73 18.51
C ALA B 41 25.93 11.97 19.81
N GLY B 42 26.95 11.21 20.22
CA GLY B 42 26.82 10.38 21.41
C GLY B 42 26.95 11.18 22.68
N GLU B 43 25.90 11.09 23.52
CA GLU B 43 25.78 11.82 24.80
C GLU B 43 25.97 13.32 24.62
N SER B 44 25.12 13.90 23.78
CA SER B 44 24.99 15.34 23.63
C SER B 44 23.78 15.88 24.39
N GLY B 45 23.19 15.07 25.25
CA GLY B 45 21.91 15.36 25.86
C GLY B 45 20.76 14.52 25.34
N LYS B 46 21.05 13.45 24.59
CA LYS B 46 20.01 12.62 24.01
C LYS B 46 19.25 11.85 25.08
N ASN B 47 19.97 11.37 26.10
CA ASN B 47 19.30 10.66 27.19
C ASN B 47 18.50 11.63 28.05
N THR B 48 19.01 12.86 28.20
CA THR B 48 18.31 13.90 28.94
C THR B 48 16.99 14.27 28.26
N ILE B 49 17.01 14.42 26.93
CA ILE B 49 15.78 14.81 26.26
C ILE B 49 14.83 13.62 26.11
N VAL B 50 15.36 12.39 26.11
CA VAL B 50 14.45 11.26 25.97
C VAL B 50 13.83 10.90 27.32
N LYS B 51 14.45 11.34 28.43
CA LYS B 51 13.78 11.17 29.72
C LYS B 51 12.93 12.39 30.05
N GLN B 52 13.26 13.55 29.46
CA GLN B 52 12.38 14.71 29.50
C GLN B 52 11.07 14.47 28.77
N MET B 53 11.14 13.92 27.55
CA MET B 53 9.96 13.69 26.74
C MET B 53 9.25 12.38 27.08
N LYS B 54 9.78 11.61 28.02
CA LYS B 54 9.28 10.29 28.46
C LYS B 54 9.12 9.31 27.30
N THR B 182 19.76 -4.20 19.57
CA THR B 182 20.77 -3.33 18.98
C THR B 182 20.36 -2.85 17.59
N GLY B 183 19.06 -2.86 17.32
CA GLY B 183 18.54 -2.29 16.10
C GLY B 183 18.01 -0.90 16.34
N ILE B 184 16.73 -0.72 16.15
CA ILE B 184 16.07 0.57 16.33
C ILE B 184 15.47 0.61 17.73
N VAL B 185 15.40 1.80 18.31
CA VAL B 185 14.75 2.00 19.60
C VAL B 185 13.63 3.00 19.39
N GLU B 186 12.39 2.53 19.43
CA GLU B 186 11.23 3.38 19.23
C GLU B 186 10.61 3.70 20.58
N THR B 187 10.27 4.97 20.76
CA THR B 187 9.60 5.44 21.97
C THR B 187 8.25 6.01 21.55
N HIS B 188 7.18 5.46 22.12
CA HIS B 188 5.83 5.92 21.86
C HIS B 188 5.31 6.66 23.08
N PHE B 189 4.82 7.88 22.88
CA PHE B 189 4.18 8.61 23.96
C PHE B 189 3.09 9.49 23.37
N THR B 190 2.35 10.15 24.26
CA THR B 190 1.27 11.03 23.83
C THR B 190 1.28 12.29 24.68
N PHE B 191 0.83 13.38 24.08
CA PHE B 191 0.91 14.69 24.71
C PHE B 191 -0.14 15.58 24.06
N LYS B 192 -1.04 16.14 24.88
CA LYS B 192 -2.13 17.03 24.44
C LYS B 192 -3.00 16.38 23.36
N ASP B 193 -3.27 15.09 23.55
CA ASP B 193 -4.01 14.23 22.61
C ASP B 193 -3.36 14.22 21.22
N LEU B 194 -2.04 14.25 21.18
CA LEU B 194 -1.27 14.05 19.96
C LEU B 194 -0.26 12.95 20.22
N HIS B 195 -0.15 11.99 19.29
CA HIS B 195 0.61 10.77 19.53
C HIS B 195 1.95 10.83 18.80
N PHE B 196 3.03 10.73 19.55
CA PHE B 196 4.39 10.82 19.03
C PHE B 196 5.04 9.44 19.10
N LYS B 197 5.73 9.10 18.01
CA LYS B 197 6.68 8.00 17.99
C LYS B 197 8.03 8.60 17.62
N MET B 198 9.08 8.14 18.28
CA MET B 198 10.43 8.70 18.14
C MET B 198 11.41 7.57 17.92
N PHE B 199 12.16 7.64 16.82
CA PHE B 199 13.00 6.54 16.37
C PHE B 199 14.46 6.91 16.60
N ASP B 200 15.12 6.20 17.51
CA ASP B 200 16.53 6.35 17.77
C ASP B 200 17.30 5.25 17.04
N VAL B 201 18.23 5.64 16.18
CA VAL B 201 19.02 4.72 15.38
C VAL B 201 20.49 4.86 15.74
N GLY B 202 20.76 5.19 17.00
CA GLY B 202 22.14 5.34 17.43
C GLY B 202 22.87 4.02 17.56
N ALA B 203 22.15 2.97 17.96
CA ALA B 203 22.77 1.66 18.14
C ALA B 203 23.05 0.96 16.82
N GLN B 204 22.50 1.44 15.71
CA GLN B 204 22.67 0.79 14.42
C GLN B 204 24.05 1.14 13.88
N ARG B 205 25.01 0.22 14.06
CA ARG B 205 26.37 0.39 13.59
C ARG B 205 26.55 0.00 12.13
N SER B 206 25.45 -0.09 11.38
CA SER B 206 25.46 -0.50 9.98
C SER B 206 25.82 0.69 9.08
N GLU B 207 25.75 0.48 7.78
CA GLU B 207 26.02 1.55 6.83
C GLU B 207 24.76 2.39 6.66
N ARG B 208 24.86 3.68 7.00
CA ARG B 208 23.69 4.56 7.02
C ARG B 208 23.14 4.87 5.63
N LYS B 209 23.95 4.74 4.58
CA LYS B 209 23.47 5.00 3.22
C LYS B 209 22.62 3.86 2.66
N LYS B 210 22.29 2.86 3.47
CA LYS B 210 21.46 1.74 3.05
C LYS B 210 20.12 1.67 3.78
N TRP B 211 19.92 2.45 4.85
CA TRP B 211 18.64 2.41 5.55
C TRP B 211 18.13 3.77 5.97
N ILE B 212 18.69 4.87 5.47
CA ILE B 212 18.20 6.18 5.88
C ILE B 212 16.96 6.58 5.09
N HIS B 213 16.76 6.04 3.88
CA HIS B 213 15.54 6.31 3.13
C HIS B 213 14.31 5.65 3.73
N CYS B 214 14.48 4.73 4.68
CA CYS B 214 13.37 4.25 5.49
C CYS B 214 12.76 5.34 6.34
N PHE B 215 13.48 6.44 6.56
CA PHE B 215 12.99 7.58 7.30
C PHE B 215 12.72 8.78 6.42
N GLU B 216 12.78 8.60 5.10
CA GLU B 216 12.27 9.63 4.19
C GLU B 216 10.76 9.71 4.37
N GLY B 217 10.29 10.82 4.90
CA GLY B 217 8.89 10.99 5.20
C GLY B 217 8.55 11.01 6.66
N VAL B 218 9.54 11.20 7.54
CA VAL B 218 9.26 11.41 8.96
C VAL B 218 8.72 12.82 9.12
N THR B 219 8.14 13.12 10.27
CA THR B 219 7.55 14.44 10.47
C THR B 219 8.63 15.48 10.72
N ALA B 220 9.49 15.25 11.71
CA ALA B 220 10.60 16.14 11.99
C ALA B 220 11.81 15.33 12.45
N ILE B 221 12.98 15.94 12.30
CA ILE B 221 14.23 15.36 12.80
C ILE B 221 14.64 16.15 14.03
N ILE B 222 14.77 15.47 15.17
CA ILE B 222 15.24 16.10 16.39
C ILE B 222 16.75 15.92 16.45
N PHE B 223 17.49 16.95 16.09
CA PHE B 223 18.95 16.94 16.11
C PHE B 223 19.42 17.62 17.39
N CYS B 224 20.11 16.87 18.25
CA CYS B 224 20.48 17.38 19.56
C CYS B 224 21.96 17.74 19.61
N VAL B 225 22.28 18.92 20.14
CA VAL B 225 23.64 19.44 20.23
C VAL B 225 23.81 20.07 21.60
N ALA B 226 24.86 19.67 22.31
CA ALA B 226 25.21 20.34 23.56
C ALA B 226 25.94 21.65 23.26
N LEU B 227 25.59 22.69 24.02
CA LEU B 227 26.19 24.00 23.77
C LEU B 227 27.57 24.13 24.38
N SER B 228 27.87 23.34 25.42
CA SER B 228 29.14 23.47 26.13
C SER B 228 30.29 22.78 25.42
N ASP B 229 30.09 22.23 24.23
CA ASP B 229 31.12 21.54 23.47
C ASP B 229 31.66 22.41 22.34
N TYR B 230 31.77 23.72 22.57
CA TYR B 230 32.34 24.59 21.54
C TYR B 230 33.85 24.66 21.63
N ASP B 231 34.43 24.45 22.81
CA ASP B 231 35.87 24.44 22.97
C ASP B 231 36.45 23.06 23.27
N LEU B 232 35.65 22.11 23.74
CA LEU B 232 36.13 20.77 23.99
C LEU B 232 36.41 20.03 22.67
N VAL B 233 37.30 19.06 22.73
CA VAL B 233 37.86 18.41 21.55
C VAL B 233 37.52 16.92 21.61
N LEU B 234 37.22 16.33 20.45
CA LEU B 234 36.92 14.91 20.36
C LEU B 234 38.10 14.05 20.80
N ALA B 235 37.79 12.81 21.18
CA ALA B 235 38.80 11.92 21.75
C ALA B 235 39.51 11.08 20.70
N GLU B 236 38.86 10.80 19.57
CA GLU B 236 39.44 9.87 18.61
C GLU B 236 40.54 10.52 17.77
N ASP B 237 40.37 11.79 17.41
CA ASP B 237 41.33 12.49 16.57
C ASP B 237 42.19 13.48 17.35
N GLU B 238 41.58 14.17 18.32
CA GLU B 238 42.23 15.18 19.17
C GLU B 238 42.80 16.35 18.38
N GLU B 239 42.21 16.64 17.21
CA GLU B 239 42.54 17.84 16.45
C GLU B 239 41.33 18.57 15.90
N MET B 240 40.15 17.97 15.89
CA MET B 240 38.94 18.61 15.42
C MET B 240 38.09 19.05 16.61
N ASN B 241 37.33 20.12 16.41
CA ASN B 241 36.49 20.65 17.47
C ASN B 241 35.19 19.84 17.54
N ARG B 242 34.58 19.83 18.72
CA ARG B 242 33.34 19.08 18.92
C ARG B 242 32.17 19.77 18.24
N MET B 243 32.05 21.10 18.40
CA MET B 243 30.98 21.82 17.73
C MET B 243 31.20 21.88 16.22
N HIS B 244 32.46 21.81 15.76
CA HIS B 244 32.70 21.66 14.33
C HIS B 244 32.23 20.30 13.82
N ALA B 245 32.38 19.24 14.63
CA ALA B 245 31.82 17.95 14.28
C ALA B 245 30.30 17.99 14.28
N SER B 246 29.71 18.81 15.15
CA SER B 246 28.27 18.98 15.14
C SER B 246 27.80 19.73 13.90
N MET B 247 28.54 20.73 13.43
CA MET B 247 28.18 21.37 12.17
C MET B 247 28.38 20.44 10.98
N LYS B 248 29.38 19.56 11.04
CA LYS B 248 29.55 18.57 9.96
C LYS B 248 28.37 17.60 9.93
N LEU B 249 27.93 17.14 11.10
CA LEU B 249 26.79 16.23 11.16
C LEU B 249 25.49 16.95 10.76
N PHE B 250 25.33 18.21 11.16
CA PHE B 250 24.15 18.97 10.76
C PHE B 250 24.16 19.27 9.26
N ASP B 251 25.34 19.44 8.66
CA ASP B 251 25.40 19.57 7.21
C ASP B 251 25.07 18.26 6.52
N SER B 252 25.44 17.13 7.12
CA SER B 252 25.09 15.86 6.52
C SER B 252 23.60 15.53 6.66
N ILE B 253 22.97 16.02 7.71
CA ILE B 253 21.55 15.73 7.92
C ILE B 253 20.66 16.74 7.18
N CYS B 254 21.06 18.01 7.16
CA CYS B 254 20.16 19.07 6.72
C CYS B 254 20.00 19.11 5.20
N ASN B 255 21.11 19.12 4.46
CA ASN B 255 21.03 19.08 3.00
C ASN B 255 21.11 17.66 2.45
N ASN B 256 20.68 16.68 3.23
CA ASN B 256 20.56 15.32 2.72
C ASN B 256 19.44 15.24 1.69
N LYS B 257 19.58 14.30 0.75
CA LYS B 257 18.61 14.19 -0.32
C LYS B 257 17.29 13.56 0.11
N TRP B 258 17.27 12.86 1.25
CA TRP B 258 16.05 12.25 1.73
C TRP B 258 15.32 13.11 2.75
N PHE B 259 15.89 14.23 3.16
CA PHE B 259 15.26 15.13 4.12
C PHE B 259 15.23 16.56 3.58
N THR B 260 14.96 16.71 2.28
CA THR B 260 14.81 18.04 1.71
C THR B 260 13.52 18.70 2.14
N ASP B 261 12.50 17.91 2.45
CA ASP B 261 11.21 18.43 2.90
C ASP B 261 10.99 18.25 4.39
N THR B 262 11.98 17.74 5.12
CA THR B 262 11.81 17.41 6.53
C THR B 262 12.38 18.53 7.39
N SER B 263 11.53 19.14 8.20
CA SER B 263 11.99 20.17 9.12
C SER B 263 12.83 19.56 10.23
N ILE B 264 13.82 20.32 10.68
CA ILE B 264 14.79 19.84 11.64
C ILE B 264 14.63 20.67 12.92
N ILE B 265 14.01 20.07 13.92
CA ILE B 265 14.07 20.62 15.26
C ILE B 265 15.50 20.50 15.75
N LEU B 266 16.04 21.60 16.30
CA LEU B 266 17.43 21.65 16.72
C LEU B 266 17.47 21.96 18.21
N PHE B 267 17.83 20.99 19.02
CA PHE B 267 17.94 21.19 20.45
C PHE B 267 19.37 21.63 20.78
N LEU B 268 19.49 22.64 21.62
CA LEU B 268 20.77 23.11 22.13
C LEU B 268 20.71 23.00 23.64
N ASN B 269 21.55 22.13 24.21
CA ASN B 269 21.35 21.61 25.55
C ASN B 269 22.48 22.04 26.49
N LYS B 270 22.21 21.84 27.79
CA LYS B 270 23.01 22.23 28.97
C LYS B 270 23.68 23.59 28.80
N LYS B 271 22.84 24.59 28.54
CA LYS B 271 23.32 25.96 28.41
C LYS B 271 23.58 26.62 29.75
N ASP B 272 23.13 26.02 30.86
CA ASP B 272 23.44 26.56 32.17
C ASP B 272 24.91 26.37 32.54
N LEU B 273 25.57 25.37 31.95
CA LEU B 273 27.02 25.27 32.04
C LEU B 273 27.72 26.09 30.97
N PHE B 274 27.05 26.32 29.85
CA PHE B 274 27.60 27.18 28.80
C PHE B 274 27.69 28.62 29.26
N GLU B 275 26.77 29.08 30.13
CA GLU B 275 26.88 30.44 30.64
C GLU B 275 28.06 30.61 31.59
N GLU B 276 28.54 29.52 32.21
CA GLU B 276 29.75 29.63 33.00
C GLU B 276 30.99 29.43 32.15
N LYS B 277 30.88 28.66 31.07
CA LYS B 277 32.02 28.46 30.18
C LYS B 277 32.26 29.64 29.25
N ILE B 278 31.25 30.46 29.00
CA ILE B 278 31.43 31.56 28.04
C ILE B 278 32.08 32.77 28.71
N LYS B 279 31.96 32.90 30.03
CA LYS B 279 32.53 34.05 30.73
C LYS B 279 34.03 33.92 30.94
N LYS B 280 34.53 32.70 31.16
CA LYS B 280 35.96 32.50 31.35
C LYS B 280 36.66 32.13 30.05
N SER B 281 36.16 31.12 29.36
CA SER B 281 36.72 30.73 28.07
C SER B 281 36.03 31.52 26.96
N PRO B 282 36.77 32.13 26.04
CA PRO B 282 36.12 32.88 24.96
C PRO B 282 35.58 31.97 23.87
N LEU B 283 34.60 32.50 23.14
CA LEU B 283 34.02 31.79 22.01
C LEU B 283 34.96 31.79 20.80
N THR B 284 35.93 32.72 20.76
CA THR B 284 36.78 32.93 19.59
C THR B 284 37.75 31.78 19.30
N ILE B 285 37.83 30.77 20.18
CA ILE B 285 38.61 29.58 19.89
C ILE B 285 37.97 28.81 18.73
N CYS B 286 36.65 28.66 18.76
CA CYS B 286 35.95 27.93 17.71
C CYS B 286 35.70 28.81 16.49
N TYR B 287 35.46 30.11 16.70
CA TYR B 287 35.03 30.99 15.63
C TYR B 287 36.08 32.06 15.38
N PRO B 288 36.77 32.04 14.24
CA PRO B 288 37.73 33.10 13.93
C PRO B 288 37.05 34.42 13.57
N GLU B 289 36.00 34.36 12.77
CA GLU B 289 35.31 35.56 12.30
C GLU B 289 34.15 35.92 13.23
N TYR B 290 34.48 36.03 14.51
CA TYR B 290 33.49 36.37 15.54
C TYR B 290 33.77 37.79 16.02
N ALA B 291 33.00 38.75 15.53
CA ALA B 291 33.13 40.15 15.90
C ALA B 291 32.06 40.56 16.92
N GLY B 292 31.70 39.63 17.81
CA GLY B 292 30.68 39.87 18.80
C GLY B 292 31.21 39.81 20.22
N SER B 293 30.32 40.10 21.16
CA SER B 293 30.67 40.14 22.56
C SER B 293 30.81 38.73 23.13
N ASN B 294 31.28 38.65 24.37
CA ASN B 294 31.43 37.38 25.08
C ASN B 294 30.34 37.17 26.12
N THR B 295 29.19 37.82 25.95
CA THR B 295 28.06 37.58 26.83
C THR B 295 27.31 36.33 26.38
N TYR B 296 26.25 36.00 27.13
CA TYR B 296 25.55 34.75 26.88
C TYR B 296 24.65 34.82 25.64
N GLU B 297 23.80 35.85 25.57
CA GLU B 297 22.77 35.88 24.53
C GLU B 297 23.35 36.14 23.15
N GLU B 298 24.40 36.96 23.06
CA GLU B 298 25.03 37.22 21.77
C GLU B 298 25.75 35.98 21.26
N ALA B 299 26.41 35.24 22.16
CA ALA B 299 27.09 34.00 21.78
C ALA B 299 26.08 32.93 21.38
N ALA B 300 24.97 32.83 22.10
CA ALA B 300 23.93 31.86 21.77
C ALA B 300 23.27 32.18 20.44
N ALA B 301 23.00 33.47 20.18
CA ALA B 301 22.44 33.87 18.90
C ALA B 301 23.42 33.64 17.75
N TYR B 302 24.72 33.82 18.01
CA TYR B 302 25.70 33.56 16.96
C TYR B 302 25.81 32.08 16.65
N ILE B 303 25.79 31.23 17.69
CA ILE B 303 25.82 29.78 17.48
C ILE B 303 24.57 29.32 16.74
N GLN B 304 23.40 29.87 17.09
CA GLN B 304 22.15 29.50 16.43
C GLN B 304 22.15 29.93 14.96
N CYS B 305 22.63 31.14 14.66
CA CYS B 305 22.69 31.57 13.27
C CYS B 305 23.72 30.79 12.47
N GLN B 306 24.84 30.39 13.08
CA GLN B 306 25.82 29.59 12.35
C GLN B 306 25.32 28.17 12.12
N PHE B 307 24.47 27.64 13.01
CA PHE B 307 23.82 26.36 12.74
C PHE B 307 22.77 26.48 11.64
N GLU B 308 21.90 27.48 11.74
CA GLU B 308 20.81 27.65 10.79
C GLU B 308 21.28 28.14 9.42
N ASP B 309 22.52 28.61 9.29
CA ASP B 309 23.01 29.04 7.99
C ASP B 309 23.64 27.90 7.19
N LEU B 310 23.75 26.69 7.75
CA LEU B 310 24.16 25.55 6.93
C LEU B 310 22.99 25.02 6.09
N ASN B 311 21.77 25.46 6.39
CA ASN B 311 20.59 25.08 5.62
C ASN B 311 20.69 25.59 4.19
N LYS B 312 20.89 24.69 3.24
CA LYS B 312 21.08 25.06 1.86
C LYS B 312 19.78 25.11 1.06
N ARG B 313 18.70 24.55 1.59
CA ARG B 313 17.36 24.67 1.02
C ARG B 313 16.48 25.29 2.10
N LYS B 314 16.48 26.61 2.16
CA LYS B 314 15.77 27.34 3.20
C LYS B 314 14.32 27.65 2.82
N ASP B 315 13.89 27.27 1.61
CA ASP B 315 12.51 27.50 1.20
C ASP B 315 11.62 26.31 1.52
N THR B 316 12.15 25.09 1.54
CA THR B 316 11.34 23.90 1.71
C THR B 316 11.24 23.45 3.16
N LYS B 317 12.29 23.64 3.95
CA LYS B 317 12.30 23.25 5.34
C LYS B 317 12.72 24.44 6.20
N GLU B 318 12.40 24.37 7.49
CA GLU B 318 12.82 25.39 8.42
C GLU B 318 13.26 24.73 9.73
N ILE B 319 14.25 25.33 10.37
CA ILE B 319 14.90 24.77 11.54
C ILE B 319 14.34 25.46 12.77
N TYR B 320 13.91 24.66 13.75
CA TYR B 320 13.33 25.15 14.98
C TYR B 320 14.33 24.93 16.10
N THR B 321 14.69 26.00 16.79
CA THR B 321 15.82 25.98 17.72
C THR B 321 15.34 26.20 19.15
N HIS B 322 15.93 25.47 20.09
CA HIS B 322 15.56 25.56 21.49
C HIS B 322 16.80 25.52 22.36
N PHE B 323 16.84 26.38 23.37
CA PHE B 323 17.92 26.45 24.34
C PHE B 323 17.42 25.88 25.65
N THR B 324 17.84 24.65 25.96
CA THR B 324 17.28 23.91 27.08
C THR B 324 18.37 23.59 28.10
N CYS B 325 17.94 23.04 29.23
CA CYS B 325 18.82 22.68 30.34
C CYS B 325 18.38 21.32 30.88
N SER B 326 18.84 21.01 32.09
CA SER B 326 18.36 19.84 32.80
C SER B 326 17.26 20.17 33.79
N THR B 327 17.09 21.45 34.14
CA THR B 327 16.11 21.87 35.13
C THR B 327 14.86 22.49 34.52
N ASP B 328 14.74 22.50 33.20
CA ASP B 328 13.55 23.06 32.57
C ASP B 328 12.51 21.96 32.33
N THR B 329 11.24 22.39 32.26
CA THR B 329 10.12 21.48 32.15
C THR B 329 9.47 21.54 30.77
N LYS B 330 9.91 22.45 29.91
CA LYS B 330 9.16 22.84 28.72
C LYS B 330 9.90 22.50 27.43
N ASN B 331 10.38 21.27 27.31
CA ASN B 331 10.97 20.80 26.06
C ASN B 331 10.01 19.92 25.26
N VAL B 332 9.20 19.11 25.94
CA VAL B 332 8.15 18.39 25.25
C VAL B 332 7.07 19.36 24.77
N GLN B 333 6.87 20.46 25.49
CA GLN B 333 5.98 21.51 25.02
C GLN B 333 6.55 22.20 23.78
N PHE B 334 7.88 22.36 23.73
CA PHE B 334 8.49 22.94 22.54
C PHE B 334 8.37 22.01 21.34
N VAL B 335 8.59 20.71 21.53
CA VAL B 335 8.50 19.82 20.38
C VAL B 335 7.05 19.67 19.94
N PHE B 336 6.10 19.82 20.88
CA PHE B 336 4.68 19.82 20.52
C PHE B 336 4.32 21.06 19.70
N ASP B 337 4.78 22.24 20.11
CA ASP B 337 4.45 23.46 19.38
C ASP B 337 5.12 23.51 18.02
N ALA B 338 6.40 23.11 17.95
CA ALA B 338 7.13 23.10 16.69
C ALA B 338 6.53 22.10 15.73
N VAL B 339 6.13 20.93 16.22
CA VAL B 339 5.61 19.96 15.28
C VAL B 339 4.14 20.21 14.97
N THR B 340 3.44 21.00 15.80
CA THR B 340 2.13 21.50 15.41
C THR B 340 2.25 22.48 14.25
N ASP B 341 3.31 23.31 14.27
CA ASP B 341 3.60 24.16 13.12
C ASP B 341 3.90 23.34 11.87
N VAL B 342 4.69 22.27 12.01
CA VAL B 342 5.02 21.41 10.87
C VAL B 342 3.78 20.70 10.33
N ILE B 343 2.90 20.25 11.25
CA ILE B 343 1.69 19.54 10.87
C ILE B 343 0.72 20.46 10.15
N ILE B 344 0.54 21.69 10.65
CA ILE B 344 -0.38 22.63 10.02
C ILE B 344 0.15 23.08 8.67
N LYS B 345 1.47 23.25 8.53
CA LYS B 345 2.01 23.56 7.20
C LYS B 345 1.88 22.39 6.24
N ASN B 346 1.94 21.15 6.74
CA ASN B 346 1.74 20.00 5.87
C ASN B 346 0.30 19.88 5.41
N ASN B 347 -0.66 20.09 6.33
CA ASN B 347 -2.07 20.08 5.96
C ASN B 347 -2.44 21.25 5.04
N LEU B 348 -1.77 22.40 5.18
CA LEU B 348 -1.94 23.47 4.21
C LEU B 348 -1.41 23.08 2.84
N LYS B 349 -0.29 22.35 2.80
CA LYS B 349 0.26 22.00 1.51
C LYS B 349 -0.54 20.89 0.84
N ASP B 350 -1.28 20.10 1.62
CA ASP B 350 -2.10 19.04 1.01
C ASP B 350 -3.48 19.49 0.60
N CYS B 351 -4.05 20.51 1.26
CA CYS B 351 -5.30 21.10 0.78
C CYS B 351 -5.12 21.84 -0.53
N GLY B 352 -4.04 22.62 -0.64
CA GLY B 352 -3.82 23.48 -1.78
C GLY B 352 -3.56 24.91 -1.41
N LEU B 353 -3.63 25.26 -0.13
CA LEU B 353 -3.38 26.62 0.32
C LEU B 353 -1.90 26.99 0.22
N PHE B 354 -1.01 26.01 0.12
CA PHE B 354 0.38 26.23 -0.30
C PHE B 354 0.55 25.81 -1.75
N SER C 12 55.67 -8.14 11.92
CA SER C 12 56.54 -9.31 11.97
C SER C 12 56.01 -10.41 11.06
N GLU C 13 54.81 -10.89 11.34
CA GLU C 13 54.17 -11.89 10.50
C GLU C 13 53.02 -11.34 9.67
N LEU C 14 52.46 -10.18 10.04
CA LEU C 14 51.34 -9.64 9.30
C LEU C 14 51.77 -9.09 7.95
N ASP C 15 52.99 -8.54 7.86
CA ASP C 15 53.47 -8.00 6.59
C ASP C 15 53.76 -9.09 5.57
N GLN C 16 54.45 -10.17 6.00
CA GLN C 16 54.67 -11.29 5.10
C GLN C 16 53.37 -12.03 4.80
N LEU C 17 52.42 -12.02 5.75
CA LEU C 17 51.15 -12.68 5.52
C LEU C 17 50.28 -11.92 4.52
N ARG C 18 50.31 -10.59 4.57
CA ARG C 18 49.57 -9.83 3.56
C ARG C 18 50.28 -9.80 2.22
N GLN C 19 51.61 -9.95 2.20
CA GLN C 19 52.27 -10.11 0.91
C GLN C 19 51.95 -11.47 0.30
N GLU C 20 51.85 -12.51 1.14
CA GLU C 20 51.34 -13.81 0.69
C GLU C 20 49.89 -13.71 0.23
N ALA C 21 49.10 -12.85 0.87
CA ALA C 21 47.70 -12.63 0.49
C ALA C 21 47.61 -12.02 -0.91
N GLU C 22 48.39 -10.96 -1.15
CA GLU C 22 48.48 -10.37 -2.48
C GLU C 22 49.00 -11.36 -3.51
N GLN C 23 49.98 -12.20 -3.11
CA GLN C 23 50.55 -13.19 -4.01
C GLN C 23 49.52 -14.22 -4.46
N LEU C 24 48.80 -14.82 -3.53
CA LEU C 24 47.91 -15.89 -3.96
C LEU C 24 46.58 -15.36 -4.47
N LYS C 25 46.21 -14.09 -4.19
CA LYS C 25 45.06 -13.58 -4.92
C LYS C 25 45.44 -13.10 -6.32
N ASN C 26 46.70 -12.73 -6.56
CA ASN C 26 47.12 -12.60 -7.96
C ASN C 26 47.22 -13.96 -8.63
N GLN C 27 47.48 -15.01 -7.84
CA GLN C 27 47.44 -16.36 -8.38
C GLN C 27 46.04 -16.75 -8.83
N ILE C 28 45.02 -16.45 -8.01
CA ILE C 28 43.65 -16.76 -8.47
C ILE C 28 43.19 -15.78 -9.55
N ARG C 29 43.75 -14.57 -9.60
CA ARG C 29 43.47 -13.66 -10.71
C ARG C 29 44.00 -14.23 -12.03
N ASP C 30 45.24 -14.72 -12.03
CA ASP C 30 45.79 -15.32 -13.23
C ASP C 30 45.16 -16.68 -13.53
N ALA C 31 44.61 -17.36 -12.52
CA ALA C 31 43.88 -18.59 -12.77
C ALA C 31 42.54 -18.32 -13.44
N ARG C 32 41.86 -17.24 -13.05
CA ARG C 32 40.67 -16.81 -13.78
C ARG C 32 41.03 -16.33 -15.18
N LYS C 33 42.18 -15.66 -15.32
CA LYS C 33 42.64 -15.20 -16.62
C LYS C 33 43.02 -16.36 -17.54
N ALA C 34 43.43 -17.49 -16.97
CA ALA C 34 43.82 -18.64 -17.78
C ALA C 34 42.61 -19.31 -18.43
N CYS C 35 41.41 -19.11 -17.87
CA CYS C 35 40.22 -19.79 -18.36
C CYS C 35 39.45 -18.99 -19.40
N ALA C 36 39.67 -17.68 -19.49
CA ALA C 36 38.91 -16.82 -20.39
C ALA C 36 39.38 -17.04 -21.82
N ASP C 37 38.89 -18.13 -22.43
CA ASP C 37 39.17 -18.40 -23.83
C ASP C 37 38.42 -17.42 -24.72
N ALA C 38 37.14 -17.20 -24.44
CA ALA C 38 36.33 -16.22 -25.14
C ALA C 38 35.26 -15.71 -24.18
N THR C 39 34.65 -14.59 -24.53
CA THR C 39 33.60 -14.00 -23.74
C THR C 39 32.23 -14.34 -24.32
N LEU C 40 31.18 -14.03 -23.54
CA LEU C 40 29.81 -14.39 -23.91
C LEU C 40 29.32 -13.65 -25.15
N SER C 41 29.90 -12.50 -25.46
CA SER C 41 29.39 -11.65 -26.54
C SER C 41 29.65 -12.26 -27.92
N GLN C 42 30.90 -12.61 -28.23
CA GLN C 42 31.19 -13.22 -29.51
C GLN C 42 30.85 -14.70 -29.55
N ILE C 43 30.44 -15.29 -28.42
CA ILE C 43 29.91 -16.64 -28.44
C ILE C 43 28.43 -16.62 -28.82
N THR C 44 27.64 -15.74 -28.19
CA THR C 44 26.24 -15.58 -28.52
C THR C 44 25.99 -14.49 -29.56
N ASN C 45 27.01 -14.13 -30.34
CA ASN C 45 26.81 -13.20 -31.44
C ASN C 45 26.12 -13.85 -32.62
N ASN C 46 26.16 -15.18 -32.70
CA ASN C 46 25.51 -15.89 -33.80
C ASN C 46 24.03 -16.16 -33.57
N ILE C 47 23.57 -16.17 -32.32
CA ILE C 47 22.15 -16.41 -32.06
C ILE C 47 21.35 -15.12 -32.27
N ASP C 48 20.05 -15.29 -32.50
CA ASP C 48 19.11 -14.23 -32.84
C ASP C 48 18.60 -13.52 -31.59
N PRO C 49 18.33 -12.22 -31.67
CA PRO C 49 17.78 -11.50 -30.52
C PRO C 49 16.35 -11.90 -30.25
N VAL C 50 15.83 -11.38 -29.13
CA VAL C 50 14.50 -11.77 -28.67
C VAL C 50 13.42 -10.81 -29.12
N GLY C 51 13.78 -9.75 -29.85
CA GLY C 51 12.81 -8.75 -30.24
C GLY C 51 12.47 -7.82 -29.09
N ARG C 52 11.56 -6.90 -29.37
CA ARG C 52 11.07 -6.01 -28.32
C ARG C 52 10.13 -6.78 -27.42
N ILE C 53 10.46 -6.85 -26.14
CA ILE C 53 9.63 -7.52 -25.16
C ILE C 53 8.55 -6.52 -24.76
N GLN C 54 7.40 -6.62 -25.42
CA GLN C 54 6.26 -5.77 -25.10
C GLN C 54 5.46 -6.44 -23.99
N MET C 55 5.55 -5.92 -22.78
CA MET C 55 4.78 -6.45 -21.67
C MET C 55 3.74 -5.42 -21.27
N ARG C 56 2.66 -5.92 -20.66
CA ARG C 56 1.55 -5.09 -20.23
C ARG C 56 1.24 -5.37 -18.77
N THR C 57 0.77 -4.33 -18.09
CA THR C 57 0.22 -4.47 -16.76
C THR C 57 -1.10 -5.20 -16.84
N ARG C 58 -1.32 -6.15 -15.94
CA ARG C 58 -2.58 -6.88 -15.85
C ARG C 58 -3.32 -6.56 -14.56
N ARG C 59 -2.69 -6.77 -13.42
CA ARG C 59 -3.29 -6.39 -12.15
C ARG C 59 -2.53 -5.20 -11.57
N THR C 60 -3.16 -4.58 -10.59
CA THR C 60 -2.50 -3.59 -9.75
C THR C 60 -2.98 -3.83 -8.33
N LEU C 61 -2.06 -4.12 -7.44
CA LEU C 61 -2.40 -4.51 -6.08
C LEU C 61 -2.27 -3.29 -5.19
N ARG C 62 -3.40 -2.69 -4.86
CA ARG C 62 -3.48 -1.49 -4.05
C ARG C 62 -3.91 -1.83 -2.63
N GLY C 63 -3.39 -1.10 -1.66
CA GLY C 63 -3.74 -1.34 -0.27
C GLY C 63 -2.61 -1.08 0.68
N HIS C 64 -1.38 -1.07 0.17
CA HIS C 64 -0.25 -0.63 0.96
C HIS C 64 -0.22 0.89 1.04
N LEU C 65 0.15 1.42 2.20
CA LEU C 65 0.13 2.87 2.42
C LEU C 65 1.50 3.41 2.81
N ALA C 66 2.57 2.78 2.33
CA ALA C 66 3.92 3.27 2.46
C ALA C 66 4.74 2.65 1.33
N LYS C 67 6.06 2.77 1.42
CA LYS C 67 6.92 2.20 0.39
C LYS C 67 6.91 0.68 0.49
N ILE C 68 6.86 0.01 -0.65
CA ILE C 68 6.91 -1.44 -0.71
C ILE C 68 8.37 -1.85 -0.88
N TYR C 69 8.86 -2.66 0.05
CA TYR C 69 10.29 -2.98 0.06
C TYR C 69 10.61 -4.35 -0.49
N ALA C 70 9.79 -5.37 -0.23
CA ALA C 70 10.03 -6.66 -0.84
C ALA C 70 8.73 -7.35 -1.18
N MET C 71 8.76 -8.13 -2.25
CA MET C 71 7.71 -9.08 -2.58
C MET C 71 8.34 -10.43 -2.83
N HIS C 72 7.62 -11.50 -2.48
CA HIS C 72 8.03 -12.84 -2.86
C HIS C 72 6.86 -13.61 -3.44
N TRP C 73 7.05 -14.16 -4.63
CA TRP C 73 6.05 -14.98 -5.27
C TRP C 73 5.92 -16.32 -4.56
N GLY C 74 4.68 -16.78 -4.39
CA GLY C 74 4.45 -18.14 -3.96
C GLY C 74 4.83 -19.15 -5.04
N THR C 75 5.07 -20.38 -4.59
CA THR C 75 5.49 -21.42 -5.51
C THR C 75 4.35 -21.96 -6.38
N ASP C 76 3.10 -21.75 -5.96
CA ASP C 76 1.97 -22.08 -6.82
C ASP C 76 1.69 -21.00 -7.87
N SER C 77 2.53 -19.97 -7.95
CA SER C 77 2.52 -18.92 -8.98
C SER C 77 1.24 -18.11 -8.99
N ARG C 78 0.52 -18.10 -7.91
CA ARG C 78 -0.70 -17.32 -7.81
C ARG C 78 -0.73 -16.45 -6.56
N LEU C 79 -0.23 -16.94 -5.44
CA LEU C 79 -0.17 -16.14 -4.23
C LEU C 79 1.13 -15.36 -4.18
N LEU C 80 1.10 -14.22 -3.51
CA LEU C 80 2.35 -13.55 -3.19
C LEU C 80 2.23 -12.88 -1.84
N VAL C 81 3.38 -12.54 -1.29
CA VAL C 81 3.47 -11.78 -0.05
C VAL C 81 4.24 -10.51 -0.37
N SER C 82 3.77 -9.39 0.17
CA SER C 82 4.49 -8.14 0.00
C SER C 82 4.63 -7.45 1.33
N ALA C 83 5.76 -6.75 1.49
CA ALA C 83 6.12 -6.09 2.73
C ALA C 83 6.17 -4.59 2.49
N SER C 84 5.49 -3.84 3.33
CA SER C 84 5.61 -2.39 3.24
C SER C 84 5.79 -1.81 4.61
N GLN C 85 6.31 -0.58 4.65
CA GLN C 85 6.65 0.06 5.91
C GLN C 85 5.50 0.82 6.54
N ASP C 86 4.27 0.50 6.16
CA ASP C 86 3.11 0.90 6.95
C ASP C 86 2.79 -0.12 8.03
N GLY C 87 3.69 -1.08 8.24
CA GLY C 87 3.49 -2.10 9.25
C GLY C 87 2.75 -3.32 8.76
N LYS C 88 2.68 -3.53 7.44
CA LYS C 88 1.80 -4.55 6.88
C LYS C 88 2.54 -5.49 5.95
N LEU C 89 2.29 -6.77 6.16
CA LEU C 89 2.62 -7.85 5.25
C LEU C 89 1.30 -8.32 4.64
N ILE C 90 1.17 -8.25 3.33
CA ILE C 90 -0.10 -8.60 2.69
C ILE C 90 0.10 -9.83 1.83
N ILE C 91 -0.70 -10.86 2.09
CA ILE C 91 -0.80 -12.03 1.24
C ILE C 91 -1.89 -11.76 0.21
N TRP C 92 -1.49 -11.65 -1.06
CA TRP C 92 -2.38 -11.36 -2.18
C TRP C 92 -2.65 -12.62 -3.01
N ASP C 93 -3.90 -12.77 -3.42
CA ASP C 93 -4.28 -13.64 -4.53
C ASP C 93 -4.12 -12.83 -5.80
N SER C 94 -3.10 -13.12 -6.59
CA SER C 94 -2.78 -12.27 -7.72
C SER C 94 -3.75 -12.42 -8.88
N TYR C 95 -4.54 -13.49 -8.91
CA TYR C 95 -5.45 -13.69 -10.04
C TYR C 95 -6.67 -12.79 -9.93
N THR C 96 -7.24 -12.70 -8.73
CA THR C 96 -8.47 -11.96 -8.50
C THR C 96 -8.24 -10.64 -7.78
N THR C 97 -6.97 -10.27 -7.56
CA THR C 97 -6.51 -9.14 -6.72
C THR C 97 -7.09 -9.19 -5.31
N ASN C 98 -7.44 -10.36 -4.81
CA ASN C 98 -7.97 -10.47 -3.46
C ASN C 98 -6.85 -10.41 -2.45
N LYS C 99 -7.13 -9.78 -1.32
CA LYS C 99 -6.20 -9.78 -0.21
C LYS C 99 -6.52 -11.00 0.66
N VAL C 100 -5.69 -12.03 0.55
CA VAL C 100 -5.91 -13.26 1.32
C VAL C 100 -5.67 -13.01 2.79
N HIS C 101 -4.57 -12.32 3.12
CA HIS C 101 -4.27 -12.05 4.54
C HIS C 101 -3.65 -10.68 4.70
N ALA C 102 -3.88 -10.10 5.87
CA ALA C 102 -3.24 -8.85 6.31
C ALA C 102 -2.56 -9.10 7.65
N ILE C 103 -1.24 -8.99 7.66
CA ILE C 103 -0.41 -9.34 8.81
C ILE C 103 0.18 -8.06 9.38
N PRO C 104 -0.22 -7.62 10.57
CA PRO C 104 0.38 -6.42 11.18
C PRO C 104 1.69 -6.77 11.89
N LEU C 105 2.77 -6.18 11.43
CA LEU C 105 4.08 -6.45 12.01
C LEU C 105 4.30 -5.64 13.27
N ARG C 106 5.17 -6.13 14.14
CA ARG C 106 5.53 -5.39 15.35
C ARG C 106 6.49 -4.25 15.04
N SER C 107 7.45 -4.48 14.16
CA SER C 107 8.37 -3.44 13.72
C SER C 107 7.98 -3.05 12.30
N SER C 108 7.73 -1.77 12.08
CA SER C 108 7.31 -1.29 10.78
C SER C 108 8.44 -1.22 9.77
N TRP C 109 9.69 -1.35 10.18
CA TRP C 109 10.82 -1.04 9.30
C TRP C 109 11.31 -2.24 8.52
N VAL C 110 10.39 -2.94 7.85
CA VAL C 110 10.69 -4.21 7.21
C VAL C 110 11.42 -3.94 5.89
N MET C 111 12.46 -4.73 5.63
CA MET C 111 13.23 -4.58 4.41
C MET C 111 13.23 -5.82 3.52
N THR C 112 12.69 -6.93 4.01
CA THR C 112 12.61 -8.13 3.19
C THR C 112 11.43 -8.98 3.62
N CYS C 113 10.98 -9.83 2.70
CA CYS C 113 9.89 -10.77 2.97
C CYS C 113 10.14 -12.03 2.17
N ALA C 114 9.70 -13.16 2.72
CA ALA C 114 9.90 -14.45 2.09
C ALA C 114 8.66 -15.32 2.24
N TYR C 115 8.39 -16.12 1.22
CA TYR C 115 7.28 -17.04 1.18
C TYR C 115 7.85 -18.45 1.21
N ALA C 116 7.39 -19.26 2.16
CA ALA C 116 7.87 -20.63 2.28
C ALA C 116 7.46 -21.45 1.05
N PRO C 117 8.30 -22.38 0.59
CA PRO C 117 7.95 -23.10 -0.64
C PRO C 117 6.86 -24.13 -0.46
N SER C 118 6.43 -24.39 0.77
CA SER C 118 5.20 -25.14 1.01
C SER C 118 3.97 -24.25 1.07
N GLY C 119 4.14 -22.96 1.31
CA GLY C 119 3.03 -22.05 1.47
C GLY C 119 2.48 -21.95 2.87
N ASN C 120 3.14 -22.56 3.86
CA ASN C 120 2.63 -22.57 5.21
C ASN C 120 3.11 -21.41 6.06
N TYR C 121 4.18 -20.74 5.64
CA TYR C 121 4.84 -19.74 6.48
C TYR C 121 5.27 -18.56 5.63
N VAL C 122 5.37 -17.40 6.28
CA VAL C 122 6.04 -16.23 5.69
C VAL C 122 7.06 -15.68 6.69
N ALA C 123 8.21 -15.26 6.18
CA ALA C 123 9.23 -14.62 6.98
C ALA C 123 9.35 -13.17 6.58
N CYS C 124 9.56 -12.30 7.56
CA CYS C 124 9.88 -10.90 7.28
C CYS C 124 10.90 -10.39 8.28
N GLY C 125 11.78 -9.52 7.81
CA GLY C 125 12.80 -8.95 8.69
C GLY C 125 13.14 -7.54 8.28
N GLY C 126 13.57 -6.75 9.26
CA GLY C 126 13.90 -5.37 8.97
C GLY C 126 15.00 -4.75 9.79
N LEU C 127 14.76 -3.54 10.28
CA LEU C 127 15.72 -2.81 11.08
C LEU C 127 15.76 -3.26 12.54
N ASP C 128 14.82 -4.09 12.97
CA ASP C 128 14.82 -4.58 14.34
C ASP C 128 15.73 -5.78 14.55
N ASN C 129 16.42 -6.22 13.50
CA ASN C 129 17.39 -7.32 13.45
C ASN C 129 16.79 -8.68 13.74
N ILE C 130 15.46 -8.81 13.76
CA ILE C 130 14.77 -10.06 14.02
C ILE C 130 14.15 -10.53 12.71
N CYS C 131 14.23 -11.84 12.45
CA CYS C 131 13.54 -12.45 11.32
C CYS C 131 12.32 -13.18 11.87
N SER C 132 11.13 -12.64 11.64
CA SER C 132 9.91 -13.22 12.15
C SER C 132 9.34 -14.22 11.17
N ILE C 133 8.90 -15.36 11.69
CA ILE C 133 8.25 -16.42 10.94
C ILE C 133 6.80 -16.51 11.39
N TYR C 134 5.89 -16.44 10.43
CA TYR C 134 4.44 -16.40 10.65
C TYR C 134 3.82 -17.65 10.05
N ASN C 135 2.95 -18.28 10.84
CA ASN C 135 2.20 -19.46 10.43
C ASN C 135 0.95 -19.01 9.69
N LEU C 136 0.88 -19.31 8.39
CA LEU C 136 -0.28 -18.91 7.60
C LEU C 136 -1.47 -19.81 7.85
N LYS C 137 -1.23 -21.11 8.05
CA LYS C 137 -2.30 -22.09 8.13
C LYS C 137 -2.38 -22.62 9.56
N THR C 138 -3.15 -21.92 10.38
CA THR C 138 -3.38 -22.29 11.76
C THR C 138 -4.82 -22.75 11.95
N ARG C 139 -5.07 -23.37 13.11
CA ARG C 139 -6.41 -23.85 13.43
C ARG C 139 -7.30 -22.75 13.98
N GLU C 140 -6.71 -21.67 14.51
CA GLU C 140 -7.50 -20.55 15.01
C GLU C 140 -8.06 -19.68 13.89
N GLY C 141 -7.51 -19.77 12.68
CA GLY C 141 -8.00 -19.08 11.53
C GLY C 141 -7.16 -17.90 11.09
N ASN C 142 -6.48 -17.24 12.01
CA ASN C 142 -5.68 -16.07 11.72
C ASN C 142 -4.23 -16.47 11.47
N VAL C 143 -3.38 -15.46 11.34
CA VAL C 143 -1.95 -15.64 11.17
C VAL C 143 -1.27 -15.06 12.40
N ARG C 144 -0.37 -15.84 13.01
CA ARG C 144 0.35 -15.36 14.18
C ARG C 144 1.81 -15.78 14.08
N VAL C 145 2.60 -15.28 15.03
CA VAL C 145 4.04 -15.48 15.01
C VAL C 145 4.37 -16.91 15.43
N SER C 146 5.01 -17.66 14.53
CA SER C 146 5.55 -18.93 14.95
C SER C 146 6.90 -18.76 15.64
N ARG C 147 7.79 -17.93 15.08
CA ARG C 147 9.15 -17.86 15.61
C ARG C 147 9.73 -16.46 15.39
N GLU C 148 10.63 -16.06 16.29
CA GLU C 148 11.40 -14.82 16.13
C GLU C 148 12.89 -15.15 16.16
N LEU C 149 13.51 -15.18 14.99
CA LEU C 149 14.94 -15.46 14.87
C LEU C 149 15.71 -14.19 15.22
N ALA C 150 16.08 -14.07 16.49
CA ALA C 150 16.96 -13.03 17.00
C ALA C 150 18.37 -13.57 17.12
N GLY C 151 19.35 -12.70 16.86
CA GLY C 151 20.73 -13.13 16.86
C GLY C 151 21.63 -12.42 15.87
N HIS C 152 21.05 -11.61 14.99
CA HIS C 152 21.82 -10.68 14.19
C HIS C 152 21.96 -9.37 14.95
N THR C 153 23.04 -8.65 14.68
CA THR C 153 23.26 -7.34 15.26
C THR C 153 23.12 -6.21 14.23
N GLY C 154 22.91 -6.55 12.97
CA GLY C 154 22.55 -5.59 11.94
C GLY C 154 21.17 -5.88 11.40
N TYR C 155 20.73 -5.01 10.49
CA TYR C 155 19.40 -5.14 9.90
C TYR C 155 19.31 -6.37 9.01
N LEU C 156 18.14 -6.99 9.01
CA LEU C 156 17.85 -8.07 8.07
C LEU C 156 17.69 -7.51 6.67
N SER C 157 18.54 -7.93 5.74
CA SER C 157 18.42 -7.40 4.40
C SER C 157 17.81 -8.38 3.41
N CYS C 158 17.87 -9.68 3.70
CA CYS C 158 17.21 -10.68 2.89
C CYS C 158 16.93 -11.90 3.77
N CYS C 159 16.09 -12.79 3.25
CA CYS C 159 15.77 -14.06 3.88
C CYS C 159 15.14 -14.96 2.83
N ARG C 160 15.47 -16.23 2.87
CA ARG C 160 14.85 -17.23 1.99
C ARG C 160 14.63 -18.50 2.80
N PHE C 161 13.58 -19.24 2.47
CA PHE C 161 13.34 -20.53 3.09
C PHE C 161 13.99 -21.65 2.28
N LEU C 162 14.49 -22.67 2.96
CA LEU C 162 14.78 -23.94 2.31
C LEU C 162 13.70 -24.98 2.54
N ASP C 163 13.15 -25.04 3.75
CA ASP C 163 12.11 -25.96 4.16
C ASP C 163 11.06 -25.13 4.88
N ASP C 164 10.18 -25.80 5.62
CA ASP C 164 9.44 -25.12 6.66
C ASP C 164 10.25 -24.99 7.95
N ASN C 165 11.52 -25.39 7.94
CA ASN C 165 12.36 -25.41 9.13
C ASN C 165 13.68 -24.69 8.97
N GLN C 166 14.25 -24.63 7.77
CA GLN C 166 15.60 -24.10 7.58
C GLN C 166 15.54 -22.84 6.73
N ILE C 167 16.12 -21.75 7.24
CA ILE C 167 16.00 -20.45 6.62
C ILE C 167 17.35 -19.73 6.63
N VAL C 168 17.76 -19.21 5.46
CA VAL C 168 19.02 -18.50 5.31
C VAL C 168 18.74 -17.00 5.26
N THR C 169 19.40 -16.24 6.13
CA THR C 169 19.24 -14.80 6.21
C THR C 169 20.54 -14.08 5.87
N SER C 170 20.42 -12.85 5.38
CA SER C 170 21.53 -11.92 5.23
C SER C 170 21.33 -10.75 6.18
N SER C 171 22.42 -10.26 6.75
CA SER C 171 22.28 -9.14 7.67
C SER C 171 23.18 -7.99 7.29
N GLY C 172 23.00 -6.89 8.01
CA GLY C 172 23.82 -5.71 7.88
C GLY C 172 25.06 -5.75 8.74
N ASP C 173 25.25 -6.79 9.54
CA ASP C 173 26.48 -6.97 10.29
C ASP C 173 27.46 -7.90 9.61
N THR C 174 27.49 -7.89 8.27
CA THR C 174 28.40 -8.59 7.37
C THR C 174 28.26 -10.10 7.40
N THR C 175 27.21 -10.65 8.02
CA THR C 175 27.05 -12.09 8.17
C THR C 175 25.79 -12.57 7.48
N CYS C 176 25.92 -13.71 6.80
CA CYS C 176 24.75 -14.53 6.50
C CYS C 176 24.59 -15.57 7.61
N ALA C 177 23.40 -16.15 7.70
CA ALA C 177 23.15 -17.15 8.73
C ALA C 177 22.21 -18.21 8.18
N LEU C 178 22.25 -19.38 8.81
CA LEU C 178 21.31 -20.46 8.53
C LEU C 178 20.71 -20.90 9.84
N TRP C 179 19.40 -20.76 9.96
CA TRP C 179 18.64 -20.99 11.18
C TRP C 179 17.76 -22.22 11.02
N ASP C 180 17.58 -22.93 12.14
CA ASP C 180 16.49 -23.87 12.31
C ASP C 180 15.38 -23.21 13.09
N ILE C 181 14.14 -23.33 12.61
CA ILE C 181 13.05 -22.55 13.14
C ILE C 181 12.51 -23.17 14.43
N GLU C 182 12.47 -24.50 14.52
CA GLU C 182 11.83 -25.14 15.67
C GLU C 182 12.63 -24.99 16.95
N THR C 183 13.94 -24.80 16.85
CA THR C 183 14.75 -24.43 18.00
C THR C 183 14.96 -22.93 18.11
N GLY C 184 15.08 -22.24 16.98
CA GLY C 184 15.29 -20.81 16.97
C GLY C 184 16.73 -20.39 16.93
N GLN C 185 17.67 -21.35 16.98
CA GLN C 185 19.08 -21.06 17.05
C GLN C 185 19.71 -21.16 15.67
N GLN C 186 20.80 -20.42 15.48
CA GLN C 186 21.56 -20.52 14.26
C GLN C 186 22.27 -21.87 14.23
N THR C 187 22.14 -22.58 13.11
CA THR C 187 22.96 -23.76 12.93
C THR C 187 24.20 -23.48 12.12
N THR C 188 24.24 -22.38 11.38
CA THR C 188 25.46 -21.97 10.70
C THR C 188 25.53 -20.45 10.69
N THR C 189 26.73 -19.91 10.86
CA THR C 189 26.97 -18.49 10.70
C THR C 189 28.01 -18.31 9.60
N PHE C 190 27.57 -17.82 8.45
CA PHE C 190 28.42 -17.58 7.30
C PHE C 190 29.08 -16.21 7.49
N THR C 191 30.39 -16.21 7.70
CA THR C 191 31.16 -14.99 7.93
C THR C 191 32.24 -14.87 6.86
N GLY C 192 32.60 -13.63 6.55
CA GLY C 192 33.62 -13.40 5.55
C GLY C 192 33.44 -12.16 4.72
N HIS C 193 32.25 -11.56 4.74
CA HIS C 193 32.04 -10.29 4.07
C HIS C 193 32.60 -9.16 4.92
N THR C 194 33.04 -8.10 4.26
CA THR C 194 33.53 -6.93 4.98
C THR C 194 32.53 -5.79 5.02
N GLY C 195 31.63 -5.69 4.03
CA GLY C 195 30.56 -4.73 4.04
C GLY C 195 29.23 -5.39 4.37
N ASP C 196 28.22 -4.54 4.57
CA ASP C 196 26.87 -4.98 4.90
C ASP C 196 26.30 -5.86 3.80
N VAL C 197 25.82 -7.05 4.16
CA VAL C 197 25.30 -7.98 3.19
C VAL C 197 23.86 -7.61 2.86
N MET C 198 23.58 -7.41 1.57
CA MET C 198 22.30 -6.87 1.15
C MET C 198 21.34 -7.89 0.58
N SER C 199 21.83 -9.00 0.04
CA SER C 199 20.97 -9.93 -0.64
C SER C 199 21.58 -11.32 -0.67
N LEU C 200 20.70 -12.33 -0.72
CA LEU C 200 21.12 -13.71 -0.93
C LEU C 200 20.18 -14.33 -1.96
N SER C 201 20.64 -15.39 -2.60
CA SER C 201 19.85 -16.10 -3.59
C SER C 201 20.14 -17.59 -3.49
N LEU C 202 19.14 -18.38 -3.16
CA LEU C 202 19.34 -19.82 -3.05
C LEU C 202 19.45 -20.47 -4.42
N ALA C 203 20.21 -21.56 -4.48
CA ALA C 203 20.34 -22.34 -5.69
C ALA C 203 19.06 -23.14 -5.93
N PRO C 204 18.83 -23.62 -7.16
CA PRO C 204 17.68 -24.51 -7.40
C PRO C 204 17.68 -25.80 -6.58
N ASP C 205 18.84 -26.39 -6.32
CA ASP C 205 18.90 -27.59 -5.49
C ASP C 205 19.10 -27.28 -4.01
N THR C 206 19.15 -26.00 -3.63
CA THR C 206 19.24 -25.50 -2.25
C THR C 206 20.46 -26.04 -1.50
N ARG C 207 21.53 -26.34 -2.22
CA ARG C 207 22.77 -26.78 -1.61
C ARG C 207 23.83 -25.70 -1.57
N LEU C 208 23.68 -24.63 -2.35
CA LEU C 208 24.57 -23.48 -2.33
C LEU C 208 23.72 -22.22 -2.29
N PHE C 209 24.35 -21.10 -1.94
CA PHE C 209 23.69 -19.81 -2.14
C PHE C 209 24.72 -18.72 -2.36
N VAL C 210 24.46 -17.85 -3.32
CA VAL C 210 25.30 -16.68 -3.56
C VAL C 210 24.80 -15.55 -2.67
N SER C 211 25.67 -14.60 -2.40
CA SER C 211 25.31 -13.46 -1.57
C SER C 211 26.07 -12.24 -2.06
N GLY C 212 25.49 -11.06 -1.86
CA GLY C 212 26.11 -9.83 -2.29
C GLY C 212 26.16 -8.83 -1.15
N ALA C 213 27.23 -8.05 -1.10
CA ALA C 213 27.39 -7.11 0.00
C ALA C 213 27.83 -5.74 -0.52
N CYS C 214 27.94 -4.79 0.40
CA CYS C 214 28.32 -3.41 0.11
C CYS C 214 29.79 -3.23 -0.21
N ASP C 215 30.62 -4.28 -0.12
CA ASP C 215 32.00 -4.18 -0.56
C ASP C 215 32.21 -4.77 -1.95
N ALA C 216 31.16 -4.77 -2.77
CA ALA C 216 31.17 -5.25 -4.15
C ALA C 216 31.61 -6.71 -4.27
N SER C 217 31.23 -7.52 -3.29
CA SER C 217 31.60 -8.93 -3.29
C SER C 217 30.35 -9.79 -3.29
N ALA C 218 30.37 -10.82 -4.13
CA ALA C 218 29.36 -11.87 -4.15
C ALA C 218 30.03 -13.16 -3.72
N LYS C 219 29.69 -13.63 -2.53
CA LYS C 219 30.26 -14.85 -1.99
C LYS C 219 29.32 -16.02 -2.22
N LEU C 220 29.82 -17.06 -2.88
CA LEU C 220 29.10 -18.32 -3.04
C LEU C 220 29.45 -19.23 -1.89
N TRP C 221 28.44 -19.57 -1.09
CA TRP C 221 28.59 -20.41 0.10
C TRP C 221 27.99 -21.78 -0.13
N ASP C 222 28.58 -22.76 0.54
CA ASP C 222 28.01 -24.10 0.69
C ASP C 222 27.21 -24.12 1.98
N VAL C 223 25.95 -24.59 1.89
CA VAL C 223 25.05 -24.47 3.04
C VAL C 223 25.36 -25.54 4.08
N ARG C 224 25.75 -26.74 3.65
CA ARG C 224 25.97 -27.83 4.59
C ARG C 224 27.32 -27.72 5.28
N GLU C 225 28.37 -27.41 4.53
CA GLU C 225 29.69 -27.27 5.12
C GLU C 225 29.90 -25.90 5.75
N GLY C 226 29.14 -24.89 5.33
CA GLY C 226 29.21 -23.59 5.97
C GLY C 226 30.42 -22.77 5.62
N MET C 227 31.02 -23.00 4.45
CA MET C 227 32.25 -22.36 4.06
C MET C 227 32.05 -21.58 2.78
N CYS C 228 32.83 -20.51 2.62
CA CYS C 228 32.77 -19.73 1.40
C CYS C 228 33.45 -20.50 0.28
N ARG C 229 32.65 -21.02 -0.64
CA ARG C 229 33.20 -21.76 -1.77
C ARG C 229 33.94 -20.84 -2.73
N GLN C 230 33.32 -19.72 -3.10
CA GLN C 230 33.95 -18.81 -4.04
C GLN C 230 33.63 -17.36 -3.67
N THR C 231 34.43 -16.44 -4.18
CA THR C 231 34.19 -15.02 -3.96
C THR C 231 34.36 -14.29 -5.30
N PHE C 232 33.40 -13.44 -5.62
CA PHE C 232 33.26 -12.83 -6.94
C PHE C 232 33.34 -11.32 -6.80
N THR C 233 34.21 -10.70 -7.61
CA THR C 233 34.36 -9.26 -7.67
C THR C 233 34.18 -8.80 -9.11
N GLY C 234 34.16 -7.48 -9.28
CA GLY C 234 33.95 -6.90 -10.59
C GLY C 234 33.09 -5.65 -10.55
N HIS C 235 32.27 -5.53 -9.53
CA HIS C 235 31.46 -4.34 -9.36
C HIS C 235 32.28 -3.26 -8.64
N GLU C 236 31.82 -2.01 -8.77
CA GLU C 236 32.52 -0.88 -8.19
C GLU C 236 31.88 -0.36 -6.91
N SER C 237 30.67 -0.79 -6.58
CA SER C 237 29.99 -0.25 -5.40
C SER C 237 29.06 -1.33 -4.84
N ASP C 238 28.11 -0.92 -4.01
CA ASP C 238 27.32 -1.84 -3.21
C ASP C 238 26.41 -2.68 -4.09
N ILE C 239 26.42 -3.99 -3.87
CA ILE C 239 25.56 -4.92 -4.60
C ILE C 239 24.25 -5.05 -3.83
N ASN C 240 23.14 -4.65 -4.46
CA ASN C 240 21.86 -4.56 -3.76
C ASN C 240 20.98 -5.78 -3.93
N ALA C 241 21.11 -6.50 -5.03
CA ALA C 241 20.28 -7.67 -5.26
C ALA C 241 21.02 -8.68 -6.09
N ILE C 242 20.67 -9.94 -5.88
CA ILE C 242 21.36 -11.07 -6.47
C ILE C 242 20.31 -12.12 -6.84
N CYS C 243 20.61 -12.91 -7.87
CA CYS C 243 19.67 -13.89 -8.38
C CYS C 243 20.42 -14.97 -9.12
N PHE C 244 20.03 -16.22 -8.87
CA PHE C 244 20.59 -17.36 -9.58
C PHE C 244 19.99 -17.53 -10.97
N PHE C 245 20.82 -18.01 -11.90
CA PHE C 245 20.31 -18.58 -13.14
C PHE C 245 19.47 -19.81 -12.81
N PRO C 246 18.46 -20.13 -13.62
CA PRO C 246 17.53 -21.21 -13.24
C PRO C 246 18.13 -22.60 -13.25
N ASN C 247 19.30 -22.83 -13.86
CA ASN C 247 19.96 -24.12 -13.74
C ASN C 247 21.03 -24.14 -12.66
N GLY C 248 21.26 -23.02 -11.99
CA GLY C 248 22.16 -22.96 -10.85
C GLY C 248 23.63 -22.91 -11.16
N ASN C 249 24.02 -22.81 -12.43
CA ASN C 249 25.42 -22.77 -12.82
C ASN C 249 25.89 -21.37 -13.18
N ALA C 250 25.12 -20.35 -12.80
CA ALA C 250 25.47 -18.94 -13.01
C ALA C 250 24.58 -18.12 -12.11
N PHE C 251 24.92 -16.85 -11.94
CA PHE C 251 24.08 -15.93 -11.19
C PHE C 251 24.37 -14.51 -11.64
N ALA C 252 23.48 -13.60 -11.25
CA ALA C 252 23.56 -12.20 -11.68
C ALA C 252 23.39 -11.29 -10.49
N THR C 253 24.15 -10.19 -10.51
CA THR C 253 24.16 -9.19 -9.46
C THR C 253 23.76 -7.85 -10.03
N GLY C 254 23.16 -7.03 -9.18
CA GLY C 254 22.80 -5.67 -9.54
C GLY C 254 23.32 -4.69 -8.51
N SER C 255 24.15 -3.75 -8.94
CA SER C 255 24.86 -2.88 -8.02
C SER C 255 24.59 -1.42 -8.32
N ASP C 256 24.92 -0.56 -7.35
CA ASP C 256 24.63 0.87 -7.38
C ASP C 256 25.38 1.62 -8.45
N ASP C 257 26.34 1.00 -9.15
CA ASP C 257 27.07 1.65 -10.22
C ASP C 257 26.39 1.51 -11.58
N ALA C 258 25.07 1.31 -11.59
CA ALA C 258 24.23 1.23 -12.80
C ALA C 258 24.67 0.11 -13.73
N THR C 259 24.92 -1.07 -13.17
CA THR C 259 25.45 -2.17 -13.94
C THR C 259 25.00 -3.48 -13.30
N CYS C 260 24.47 -4.39 -14.11
CA CYS C 260 24.29 -5.78 -13.71
C CYS C 260 25.45 -6.60 -14.24
N ARG C 261 25.78 -7.68 -13.54
CA ARG C 261 26.81 -8.58 -14.01
C ARG C 261 26.36 -10.02 -13.86
N LEU C 262 26.93 -10.89 -14.68
CA LEU C 262 26.60 -12.31 -14.67
C LEU C 262 27.89 -13.09 -14.44
N PHE C 263 28.02 -13.67 -13.25
CA PHE C 263 29.15 -14.53 -12.91
C PHE C 263 28.75 -15.99 -13.04
N ASP C 264 29.75 -16.84 -13.16
CA ASP C 264 29.54 -18.27 -13.27
C ASP C 264 30.18 -18.96 -12.07
N LEU C 265 29.51 -19.98 -11.56
CA LEU C 265 30.05 -20.72 -10.42
C LEU C 265 31.22 -21.60 -10.84
N ARG C 266 31.19 -22.12 -12.06
CA ARG C 266 32.25 -23.02 -12.53
C ARG C 266 33.45 -22.24 -13.05
N ALA C 267 33.23 -21.28 -13.96
CA ALA C 267 34.31 -20.50 -14.54
C ALA C 267 34.83 -19.42 -13.61
N ASP C 268 34.18 -19.19 -12.47
CA ASP C 268 34.62 -18.33 -11.37
C ASP C 268 34.75 -16.86 -11.74
N GLN C 269 34.21 -16.42 -12.88
CA GLN C 269 34.45 -15.06 -13.33
C GLN C 269 33.22 -14.48 -13.99
N GLU C 270 33.22 -13.17 -14.15
CA GLU C 270 32.14 -12.47 -14.85
C GLU C 270 32.20 -12.78 -16.34
N LEU C 271 31.04 -13.11 -16.92
CA LEU C 271 30.92 -13.33 -18.34
C LEU C 271 30.32 -12.15 -19.08
N MET C 272 29.33 -11.49 -18.48
CA MET C 272 28.56 -10.49 -19.20
C MET C 272 28.21 -9.35 -18.26
N THR C 273 28.21 -8.14 -18.81
CA THR C 273 27.87 -6.92 -18.08
C THR C 273 26.73 -6.19 -18.78
N TYR C 274 25.78 -5.72 -17.99
CA TYR C 274 24.53 -5.14 -18.46
C TYR C 274 24.51 -3.69 -18.01
N SER C 275 24.89 -2.80 -18.93
CA SER C 275 25.02 -1.38 -18.62
C SER C 275 24.73 -0.57 -19.87
N HIS C 276 23.96 0.49 -19.68
CA HIS C 276 23.68 1.44 -20.75
C HIS C 276 24.03 2.84 -20.27
N ASP C 277 24.56 3.66 -21.17
CA ASP C 277 25.01 5.00 -20.85
C ASP C 277 23.89 5.95 -20.44
N ASN C 278 22.65 5.64 -20.80
CA ASN C 278 21.51 6.45 -20.39
C ASN C 278 21.14 6.25 -18.92
N ILE C 279 21.64 5.19 -18.29
CA ILE C 279 21.26 4.87 -16.91
C ILE C 279 22.38 5.34 -15.98
N ILE C 280 22.01 6.16 -15.00
CA ILE C 280 22.94 6.64 -13.99
C ILE C 280 22.64 6.04 -12.62
N CYS C 281 21.43 5.57 -12.40
CA CYS C 281 20.88 5.30 -11.07
C CYS C 281 21.29 3.91 -10.58
N GLY C 282 20.87 3.60 -9.35
CA GLY C 282 21.15 2.29 -8.77
C GLY C 282 20.24 1.22 -9.33
N ILE C 283 20.50 -0.01 -8.90
CA ILE C 283 19.71 -1.18 -9.27
C ILE C 283 19.22 -1.82 -7.98
N THR C 284 17.92 -2.02 -7.86
CA THR C 284 17.39 -2.45 -6.58
C THR C 284 17.05 -3.93 -6.61
N SER C 285 16.77 -4.47 -7.79
CA SER C 285 16.30 -5.83 -7.92
C SER C 285 16.76 -6.42 -9.24
N VAL C 286 17.07 -7.71 -9.23
CA VAL C 286 17.28 -8.49 -10.44
C VAL C 286 16.49 -9.77 -10.30
N SER C 287 16.01 -10.30 -11.43
CA SER C 287 15.42 -11.63 -11.45
C SER C 287 15.50 -12.18 -12.86
N PHE C 288 15.45 -13.49 -12.96
CA PHE C 288 15.58 -14.20 -14.22
C PHE C 288 14.23 -14.78 -14.63
N SER C 289 14.01 -14.90 -15.93
CA SER C 289 12.84 -15.59 -16.45
C SER C 289 13.01 -17.10 -16.30
N LYS C 290 11.99 -17.85 -16.72
CA LYS C 290 12.01 -19.29 -16.52
C LYS C 290 12.99 -19.99 -17.46
N SER C 291 13.29 -19.39 -18.60
CA SER C 291 14.30 -19.94 -19.49
C SER C 291 15.65 -19.30 -19.31
N GLY C 292 15.76 -18.28 -18.47
CA GLY C 292 17.00 -17.58 -18.25
C GLY C 292 17.42 -16.63 -19.35
N ARG C 293 16.61 -16.47 -20.39
CA ARG C 293 16.98 -15.62 -21.50
C ARG C 293 16.82 -14.14 -21.16
N LEU C 294 15.86 -13.81 -20.32
CA LEU C 294 15.59 -12.43 -19.94
C LEU C 294 15.98 -12.21 -18.49
N LEU C 295 16.73 -11.16 -18.24
CA LEU C 295 17.07 -10.71 -16.90
C LEU C 295 16.30 -9.42 -16.63
N LEU C 296 15.47 -9.42 -15.61
CA LEU C 296 14.60 -8.28 -15.33
C LEU C 296 15.18 -7.51 -14.15
N ALA C 297 15.79 -6.36 -14.45
CA ALA C 297 16.46 -5.56 -13.44
C ALA C 297 15.62 -4.34 -13.11
N GLY C 298 15.21 -4.22 -11.86
CA GLY C 298 14.45 -3.06 -11.44
C GLY C 298 15.34 -1.91 -11.03
N TYR C 299 15.44 -0.90 -11.88
CA TYR C 299 16.38 0.19 -11.69
C TYR C 299 15.79 1.24 -10.75
N ASP C 300 16.56 2.31 -10.54
CA ASP C 300 16.16 3.38 -9.63
C ASP C 300 15.70 4.63 -10.36
N ASP C 301 15.74 4.65 -11.70
CA ASP C 301 15.18 5.73 -12.50
C ASP C 301 13.70 5.55 -12.76
N PHE C 302 13.04 4.80 -11.88
CA PHE C 302 11.61 4.51 -11.75
C PHE C 302 11.17 3.43 -12.73
N ASN C 303 12.06 2.94 -13.59
CA ASN C 303 11.72 1.95 -14.59
C ASN C 303 12.18 0.57 -14.16
N CYS C 304 11.83 -0.43 -14.97
CA CYS C 304 12.23 -1.81 -14.73
C CYS C 304 12.70 -2.37 -16.06
N ASN C 305 14.01 -2.35 -16.29
CA ASN C 305 14.49 -2.73 -17.60
C ASN C 305 14.56 -4.25 -17.73
N VAL C 306 14.55 -4.72 -18.98
CA VAL C 306 14.51 -6.13 -19.31
C VAL C 306 15.60 -6.38 -20.33
N TRP C 307 16.59 -7.19 -19.95
CA TRP C 307 17.81 -7.38 -20.70
C TRP C 307 17.85 -8.77 -21.32
N ASP C 308 18.30 -8.83 -22.57
CA ASP C 308 18.61 -10.11 -23.19
C ASP C 308 19.86 -10.65 -22.52
N ALA C 309 19.69 -11.61 -21.61
CA ALA C 309 20.77 -12.06 -20.74
C ALA C 309 21.81 -12.91 -21.43
N LEU C 310 21.73 -13.11 -22.74
CA LEU C 310 22.79 -13.77 -23.47
C LEU C 310 23.53 -12.86 -24.43
N LYS C 311 22.95 -11.72 -24.81
CA LYS C 311 23.59 -10.80 -25.72
C LYS C 311 23.81 -9.40 -25.15
N ALA C 312 23.23 -9.11 -23.97
CA ALA C 312 23.42 -7.86 -23.23
C ALA C 312 22.99 -6.63 -24.03
N ASP C 313 21.91 -6.75 -24.77
CA ASP C 313 21.22 -5.59 -25.32
C ASP C 313 19.84 -5.47 -24.70
N ARG C 314 19.44 -4.25 -24.37
CA ARG C 314 18.18 -4.03 -23.67
C ARG C 314 17.02 -4.31 -24.60
N ALA C 315 16.09 -5.16 -24.13
CA ALA C 315 14.98 -5.61 -24.96
C ALA C 315 13.63 -5.13 -24.47
N GLY C 316 13.53 -4.62 -23.24
CA GLY C 316 12.25 -4.11 -22.82
C GLY C 316 12.37 -3.12 -21.69
N VAL C 317 11.30 -2.36 -21.47
CA VAL C 317 11.19 -1.43 -20.37
C VAL C 317 9.82 -1.65 -19.75
N LEU C 318 9.76 -1.73 -18.43
CA LEU C 318 8.50 -1.80 -17.71
C LEU C 318 8.41 -0.50 -16.91
N ALA C 319 7.73 0.47 -17.48
CA ALA C 319 7.62 1.80 -16.89
C ALA C 319 6.17 2.02 -16.49
N GLY C 320 5.86 1.75 -15.24
CA GLY C 320 4.51 1.99 -14.77
C GLY C 320 4.44 2.53 -13.38
N HIS C 321 5.58 2.72 -12.73
CA HIS C 321 5.61 3.16 -11.34
C HIS C 321 6.02 4.62 -11.25
N ASP C 322 5.53 5.29 -10.22
CA ASP C 322 5.83 6.69 -9.95
C ASP C 322 6.97 6.85 -8.95
N ASN C 323 7.72 5.79 -8.69
CA ASN C 323 8.82 5.84 -7.74
C ASN C 323 9.78 4.70 -8.07
N ARG C 324 10.70 4.42 -7.16
CA ARG C 324 11.76 3.45 -7.39
C ARG C 324 11.22 2.04 -7.43
N VAL C 325 11.57 1.29 -8.47
CA VAL C 325 11.19 -0.12 -8.57
C VAL C 325 12.03 -0.87 -7.56
N SER C 326 11.45 -1.16 -6.40
CA SER C 326 12.22 -1.68 -5.28
C SER C 326 12.34 -3.19 -5.31
N CYS C 327 11.24 -3.92 -5.52
CA CYS C 327 11.28 -5.36 -5.57
C CYS C 327 10.66 -5.86 -6.85
N LEU C 328 11.11 -7.01 -7.32
CA LEU C 328 10.41 -7.68 -8.41
C LEU C 328 10.61 -9.18 -8.25
N GLY C 329 9.86 -9.93 -9.05
CA GLY C 329 9.91 -11.37 -8.99
C GLY C 329 9.13 -12.03 -10.11
N VAL C 330 9.67 -13.11 -10.65
CA VAL C 330 9.00 -13.91 -11.66
C VAL C 330 8.36 -15.11 -10.98
N THR C 331 7.20 -15.53 -11.48
CA THR C 331 6.54 -16.73 -11.00
C THR C 331 7.37 -17.98 -11.29
N ASP C 332 7.06 -19.06 -10.58
CA ASP C 332 7.80 -20.29 -10.76
C ASP C 332 7.51 -20.95 -12.10
N ASP C 333 6.31 -20.74 -12.65
CA ASP C 333 6.02 -21.20 -14.01
C ASP C 333 6.36 -20.15 -15.06
N GLY C 334 6.77 -18.96 -14.64
CA GLY C 334 7.23 -17.96 -15.58
C GLY C 334 6.14 -17.23 -16.32
N MET C 335 4.91 -17.22 -15.79
CA MET C 335 3.81 -16.56 -16.49
C MET C 335 3.98 -15.06 -16.46
N ALA C 336 4.16 -14.49 -15.27
CA ALA C 336 4.07 -13.06 -15.05
C ALA C 336 5.32 -12.58 -14.33
N VAL C 337 5.38 -11.28 -14.10
CA VAL C 337 6.43 -10.62 -13.32
C VAL C 337 5.76 -9.59 -12.44
N ALA C 338 5.90 -9.73 -11.13
CA ALA C 338 5.38 -8.73 -10.22
C ALA C 338 6.49 -7.79 -9.81
N THR C 339 6.28 -6.49 -10.02
CA THR C 339 7.18 -5.46 -9.55
C THR C 339 6.45 -4.64 -8.50
N GLY C 340 7.05 -4.52 -7.33
CA GLY C 340 6.57 -3.63 -6.30
C GLY C 340 7.53 -2.45 -6.21
N SER C 341 6.99 -1.30 -5.86
CA SER C 341 7.78 -0.08 -5.92
C SER C 341 7.43 0.81 -4.73
N TRP C 342 8.14 1.92 -4.64
CA TRP C 342 8.04 2.84 -3.51
C TRP C 342 6.82 3.74 -3.59
N ASP C 343 6.03 3.64 -4.67
CA ASP C 343 4.78 4.37 -4.80
C ASP C 343 3.59 3.58 -4.27
N SER C 344 3.85 2.54 -3.48
CA SER C 344 2.89 1.68 -2.78
C SER C 344 2.05 0.81 -3.72
N PHE C 345 2.50 0.54 -4.94
CA PHE C 345 1.69 -0.18 -5.91
C PHE C 345 2.48 -1.33 -6.54
N LEU C 346 1.96 -2.54 -6.36
CA LEU C 346 2.48 -3.72 -7.03
C LEU C 346 1.80 -3.86 -8.38
N LYS C 347 2.55 -4.27 -9.39
CA LYS C 347 2.02 -4.43 -10.72
C LYS C 347 2.45 -5.78 -11.26
N ILE C 348 1.50 -6.53 -11.81
CA ILE C 348 1.75 -7.80 -12.45
C ILE C 348 1.84 -7.55 -13.95
N TRP C 349 2.80 -8.19 -14.60
CA TRP C 349 3.09 -7.90 -16.00
C TRP C 349 3.22 -9.21 -16.77
N ASN C 350 2.75 -9.20 -18.02
CA ASN C 350 3.19 -10.15 -19.04
C ASN C 350 2.76 -9.64 -20.41
N GLY C 351 3.28 -10.29 -21.44
CA GLY C 351 3.04 -9.86 -22.80
C GLY C 351 1.86 -10.58 -23.44
N SER C 352 1.62 -10.23 -24.70
CA SER C 352 0.55 -10.83 -25.49
C SER C 352 1.13 -11.28 -26.81
N SER C 353 0.40 -12.18 -27.48
CA SER C 353 0.83 -12.72 -28.76
C SER C 353 0.66 -11.69 -29.87
N ASP D 1 -8.41 -25.40 22.40
CA ASP D 1 -8.98 -26.01 21.21
C ASP D 1 -10.18 -25.23 20.70
N VAL D 2 -10.57 -25.49 19.46
CA VAL D 2 -11.75 -24.87 18.89
C VAL D 2 -12.99 -25.49 19.53
N GLN D 3 -13.98 -24.67 19.84
CA GLN D 3 -15.15 -25.14 20.55
C GLN D 3 -16.35 -24.27 20.21
N LEU D 4 -17.49 -24.92 19.95
CA LEU D 4 -18.76 -24.26 19.69
C LEU D 4 -19.83 -25.00 20.47
N VAL D 5 -20.43 -24.35 21.46
CA VAL D 5 -21.46 -24.99 22.28
C VAL D 5 -22.79 -24.28 22.06
N GLU D 6 -23.82 -25.05 21.76
CA GLU D 6 -25.14 -24.51 21.47
C GLU D 6 -26.09 -24.74 22.63
N SER D 7 -27.05 -23.83 22.78
CA SER D 7 -28.02 -23.89 23.85
C SER D 7 -29.30 -23.19 23.41
N GLY D 8 -30.39 -23.48 24.11
CA GLY D 8 -31.68 -22.89 23.86
C GLY D 8 -32.76 -23.87 23.45
N GLY D 9 -32.36 -25.04 22.93
CA GLY D 9 -33.35 -25.99 22.45
C GLY D 9 -34.10 -26.70 23.55
N GLY D 10 -35.24 -27.27 23.18
CA GLY D 10 -36.10 -27.94 24.14
C GLY D 10 -37.52 -28.01 23.63
N LEU D 11 -38.45 -28.18 24.57
CA LEU D 11 -39.87 -28.27 24.24
C LEU D 11 -40.45 -26.86 24.09
N VAL D 12 -41.13 -26.61 22.97
CA VAL D 12 -41.89 -25.39 22.76
C VAL D 12 -43.23 -25.75 22.14
N GLN D 13 -44.18 -24.83 22.29
CA GLN D 13 -45.46 -24.95 21.62
C GLN D 13 -45.30 -24.61 20.13
N PRO D 14 -46.13 -25.18 19.26
CA PRO D 14 -46.02 -24.85 17.83
C PRO D 14 -46.43 -23.41 17.53
N GLY D 15 -45.76 -22.83 16.54
CA GLY D 15 -45.96 -21.45 16.17
C GLY D 15 -45.24 -20.45 17.04
N GLY D 16 -44.46 -20.89 18.03
CA GLY D 16 -43.83 -20.01 18.98
C GLY D 16 -42.51 -19.44 18.50
N SER D 17 -41.66 -19.10 19.46
CA SER D 17 -40.37 -18.48 19.20
C SER D 17 -39.34 -19.04 20.16
N ARG D 18 -38.09 -19.11 19.71
CA ARG D 18 -37.02 -19.65 20.54
C ARG D 18 -35.69 -19.07 20.09
N LYS D 19 -34.80 -18.85 21.05
CA LYS D 19 -33.47 -18.32 20.80
C LYS D 19 -32.46 -19.46 20.86
N LEU D 20 -31.66 -19.61 19.81
CA LEU D 20 -30.56 -20.55 19.78
C LEU D 20 -29.26 -19.79 19.87
N SER D 21 -28.44 -20.11 20.86
CA SER D 21 -27.14 -19.49 21.05
C SER D 21 -26.03 -20.49 20.77
N CYS D 22 -24.98 -20.01 20.11
CA CYS D 22 -23.79 -20.79 19.80
C CYS D 22 -22.59 -20.00 20.31
N SER D 23 -22.10 -20.37 21.49
CA SER D 23 -20.94 -19.70 22.08
C SER D 23 -19.66 -20.32 21.53
N ALA D 24 -18.79 -19.45 21.02
CA ALA D 24 -17.56 -19.85 20.34
C ALA D 24 -16.36 -19.61 21.24
N SER D 25 -15.33 -20.43 21.05
CA SER D 25 -14.13 -20.34 21.87
C SER D 25 -12.95 -20.94 21.12
N GLY D 26 -11.83 -20.24 21.16
CA GLY D 26 -10.59 -20.81 20.68
C GLY D 26 -10.28 -20.59 19.21
N PHE D 27 -10.98 -19.68 18.54
CA PHE D 27 -10.66 -19.32 17.17
C PHE D 27 -11.11 -17.89 16.93
N ALA D 28 -10.63 -17.32 15.83
CA ALA D 28 -10.93 -15.93 15.45
C ALA D 28 -12.35 -15.87 14.94
N PHE D 29 -13.30 -15.64 15.86
CA PHE D 29 -14.72 -15.73 15.53
C PHE D 29 -15.17 -14.61 14.60
N SER D 30 -14.49 -13.47 14.64
CA SER D 30 -14.84 -12.38 13.76
C SER D 30 -14.42 -12.63 12.32
N SER D 31 -13.42 -13.47 12.11
CA SER D 31 -12.90 -13.72 10.77
C SER D 31 -13.65 -14.82 10.02
N PHE D 32 -14.56 -15.52 10.69
CA PHE D 32 -15.23 -16.69 10.14
C PHE D 32 -16.69 -16.36 9.86
N GLY D 33 -17.14 -16.68 8.66
CA GLY D 33 -18.56 -16.78 8.41
C GLY D 33 -19.14 -17.99 9.12
N MET D 34 -20.39 -17.90 9.51
CA MET D 34 -21.02 -18.97 10.25
C MET D 34 -22.24 -19.47 9.50
N HIS D 35 -22.59 -20.73 9.74
CA HIS D 35 -23.78 -21.35 9.20
C HIS D 35 -24.55 -22.03 10.34
N TRP D 36 -25.85 -22.17 10.13
CA TRP D 36 -26.66 -23.14 10.85
C TRP D 36 -27.08 -24.20 9.86
N VAL D 37 -26.88 -25.47 10.23
CA VAL D 37 -27.27 -26.63 9.45
C VAL D 37 -28.00 -27.57 10.39
N ARG D 38 -29.22 -27.96 10.02
CA ARG D 38 -29.99 -28.81 10.92
C ARG D 38 -30.17 -30.20 10.34
N GLN D 39 -30.57 -31.12 11.21
CA GLN D 39 -30.79 -32.51 10.84
C GLN D 39 -32.03 -33.01 11.58
N ALA D 40 -33.07 -33.36 10.84
CA ALA D 40 -34.26 -33.92 11.42
C ALA D 40 -33.96 -35.33 11.94
N PRO D 41 -34.69 -35.82 12.94
CA PRO D 41 -34.38 -37.13 13.54
C PRO D 41 -34.51 -38.28 12.56
N GLU D 42 -33.42 -39.06 12.45
CA GLU D 42 -33.26 -40.16 11.49
C GLU D 42 -33.43 -39.69 10.04
N LYS D 43 -32.97 -38.47 9.77
CA LYS D 43 -33.00 -37.89 8.43
C LYS D 43 -31.61 -37.32 8.13
N GLY D 44 -31.47 -36.75 6.93
CA GLY D 44 -30.23 -36.16 6.50
C GLY D 44 -30.08 -34.73 7.00
N LEU D 45 -29.09 -34.04 6.44
CA LEU D 45 -28.80 -32.67 6.82
C LEU D 45 -29.40 -31.70 5.79
N GLU D 46 -29.83 -30.54 6.27
CA GLU D 46 -30.27 -29.46 5.41
C GLU D 46 -29.72 -28.15 5.94
N TRP D 47 -29.18 -27.33 5.05
CA TRP D 47 -28.61 -26.06 5.45
C TRP D 47 -29.72 -25.08 5.80
N VAL D 48 -29.57 -24.39 6.93
CA VAL D 48 -30.60 -23.45 7.36
C VAL D 48 -30.20 -22.03 6.99
N ALA D 49 -29.08 -21.54 7.52
CA ALA D 49 -28.80 -20.12 7.40
C ALA D 49 -27.31 -19.85 7.35
N TYR D 50 -26.96 -18.64 6.93
CA TYR D 50 -25.56 -18.24 6.74
C TYR D 50 -25.40 -16.76 7.03
N ILE D 51 -24.54 -16.42 7.99
CA ILE D 51 -24.15 -15.03 8.19
C ILE D 51 -22.66 -14.92 7.88
N SER D 52 -22.27 -13.81 7.28
CA SER D 52 -20.92 -13.67 6.78
C SER D 52 -20.03 -13.08 7.86
N SER D 53 -18.79 -12.76 7.50
CA SER D 53 -17.89 -12.08 8.42
C SER D 53 -18.22 -10.59 8.42
N GLY D 54 -18.44 -10.03 9.61
CA GLY D 54 -18.88 -8.66 9.70
C GLY D 54 -20.31 -8.41 9.32
N SER D 55 -21.13 -9.48 9.22
CA SER D 55 -22.57 -9.43 8.98
C SER D 55 -22.93 -8.76 7.66
N GLY D 56 -22.05 -8.83 6.67
CA GLY D 56 -22.28 -8.15 5.43
C GLY D 56 -23.07 -8.94 4.40
N THR D 57 -23.53 -10.13 4.76
CA THR D 57 -24.27 -10.99 3.85
C THR D 57 -25.01 -12.02 4.70
N ILE D 58 -26.33 -12.09 4.54
CA ILE D 58 -27.15 -12.99 5.31
C ILE D 58 -28.04 -13.76 4.35
N TYR D 59 -27.85 -15.08 4.27
CA TYR D 59 -28.60 -15.94 3.38
C TYR D 59 -29.43 -16.91 4.20
N TYR D 60 -30.62 -17.24 3.68
CA TYR D 60 -31.51 -18.18 4.33
C TYR D 60 -31.94 -19.27 3.36
N ALA D 61 -32.49 -20.33 3.93
CA ALA D 61 -33.23 -21.31 3.14
C ALA D 61 -34.67 -20.84 2.99
N ASP D 62 -35.27 -21.14 1.83
CA ASP D 62 -36.62 -20.69 1.55
C ASP D 62 -37.68 -21.37 2.42
N THR D 63 -37.33 -22.49 3.06
CA THR D 63 -38.19 -23.09 4.07
C THR D 63 -38.36 -22.16 5.26
N VAL D 64 -37.31 -21.40 5.60
CA VAL D 64 -37.29 -20.57 6.78
C VAL D 64 -37.04 -19.11 6.46
N LYS D 65 -37.09 -18.72 5.19
CA LYS D 65 -36.87 -17.34 4.81
C LYS D 65 -38.06 -16.49 5.25
N GLY D 66 -37.83 -15.58 6.18
CA GLY D 66 -38.88 -14.78 6.76
C GLY D 66 -39.24 -15.17 8.17
N ARG D 67 -38.94 -16.40 8.57
CA ARG D 67 -39.27 -16.89 9.90
C ARG D 67 -38.08 -17.01 10.83
N PHE D 68 -36.87 -17.12 10.27
CA PHE D 68 -35.65 -17.27 11.05
C PHE D 68 -34.76 -16.05 10.86
N THR D 69 -33.99 -15.73 11.90
CA THR D 69 -33.09 -14.57 11.87
C THR D 69 -31.75 -14.97 12.46
N ILE D 70 -30.67 -14.84 11.67
CA ILE D 70 -29.34 -15.21 12.12
C ILE D 70 -28.54 -13.94 12.36
N SER D 71 -27.91 -13.86 13.54
CA SER D 71 -27.24 -12.64 13.97
C SER D 71 -26.07 -12.96 14.88
N ARG D 72 -24.90 -12.42 14.57
CA ARG D 72 -23.69 -12.71 15.33
C ARG D 72 -23.35 -11.54 16.24
N ASP D 73 -22.81 -11.86 17.42
CA ASP D 73 -22.30 -10.88 18.36
C ASP D 73 -20.81 -11.17 18.53
N ASP D 74 -19.98 -10.43 17.81
CA ASP D 74 -18.53 -10.61 17.81
C ASP D 74 -17.81 -10.22 19.11
N PRO D 75 -18.17 -9.14 19.84
CA PRO D 75 -17.48 -8.91 21.12
C PRO D 75 -17.80 -9.94 22.19
N LYS D 76 -18.95 -10.61 22.12
CA LYS D 76 -19.26 -11.67 23.07
C LYS D 76 -18.90 -13.05 22.54
N ASN D 77 -18.49 -13.15 21.28
CA ASN D 77 -18.26 -14.41 20.56
C ASN D 77 -19.46 -15.34 20.65
N THR D 78 -20.59 -14.88 20.15
CA THR D 78 -21.80 -15.70 20.13
C THR D 78 -22.46 -15.61 18.76
N LEU D 79 -23.20 -16.65 18.42
CA LEU D 79 -24.03 -16.68 17.23
C LEU D 79 -25.47 -16.94 17.65
N PHE D 80 -26.42 -16.31 16.99
CA PHE D 80 -27.81 -16.39 17.40
C PHE D 80 -28.70 -16.77 16.23
N LEU D 81 -29.65 -17.65 16.50
CA LEU D 81 -30.76 -17.92 15.60
C LEU D 81 -32.04 -17.64 16.37
N GLN D 82 -32.72 -16.56 15.99
CA GLN D 82 -34.05 -16.26 16.49
C GLN D 82 -35.06 -16.98 15.61
N MET D 83 -35.92 -17.79 16.23
CA MET D 83 -36.81 -18.69 15.52
C MET D 83 -38.24 -18.28 15.81
N THR D 84 -38.93 -17.79 14.77
CA THR D 84 -40.31 -17.35 14.87
C THR D 84 -41.19 -18.24 14.00
N SER D 85 -42.42 -18.45 14.45
CA SER D 85 -43.43 -19.29 13.80
C SER D 85 -42.93 -20.72 13.61
N LEU D 86 -42.64 -21.37 14.73
CA LEU D 86 -42.05 -22.70 14.72
C LEU D 86 -43.14 -23.74 14.47
N ARG D 87 -43.16 -24.30 13.27
CA ARG D 87 -44.08 -25.39 12.97
C ARG D 87 -43.48 -26.71 13.45
N SER D 88 -44.27 -27.78 13.31
CA SER D 88 -43.84 -29.10 13.77
C SER D 88 -42.80 -29.72 12.87
N GLU D 89 -42.52 -29.13 11.71
CA GLU D 89 -41.46 -29.62 10.84
C GLU D 89 -40.07 -29.30 11.39
N ASP D 90 -39.96 -28.27 12.24
CA ASP D 90 -38.66 -27.78 12.69
C ASP D 90 -38.08 -28.55 13.87
N THR D 91 -38.65 -29.70 14.22
CA THR D 91 -38.02 -30.58 15.21
C THR D 91 -36.78 -31.20 14.59
N ALA D 92 -35.61 -30.84 15.09
CA ALA D 92 -34.35 -31.25 14.50
C ALA D 92 -33.23 -31.10 15.52
N MET D 93 -31.99 -31.27 15.05
CA MET D 93 -30.79 -30.95 15.80
C MET D 93 -30.00 -29.93 14.99
N TYR D 94 -29.62 -28.84 15.63
CA TYR D 94 -29.01 -27.69 14.97
C TYR D 94 -27.50 -27.69 15.21
N TYR D 95 -26.75 -27.43 14.15
CA TYR D 95 -25.30 -27.41 14.17
C TYR D 95 -24.82 -26.04 13.75
N CYS D 96 -23.97 -25.45 14.58
CA CYS D 96 -23.36 -24.15 14.33
C CYS D 96 -21.97 -24.39 13.73
N VAL D 97 -21.75 -23.90 12.52
CA VAL D 97 -20.64 -24.34 11.68
C VAL D 97 -19.76 -23.16 11.29
N ARG D 98 -18.47 -23.25 11.61
CA ARG D 98 -17.49 -22.27 11.14
C ARG D 98 -17.29 -22.45 9.65
N SER D 99 -16.93 -21.38 8.96
CA SER D 99 -16.58 -21.47 7.55
C SER D 99 -15.85 -20.20 7.14
N ILE D 100 -14.66 -20.33 6.58
CA ILE D 100 -13.88 -19.17 6.15
C ILE D 100 -13.52 -19.32 4.69
N TYR D 101 -13.54 -18.20 3.97
CA TYR D 101 -13.46 -18.21 2.52
C TYR D 101 -12.34 -17.29 2.06
N TYR D 102 -11.28 -17.91 1.55
CA TYR D 102 -10.27 -17.24 0.75
C TYR D 102 -9.67 -18.30 -0.16
N TYR D 103 -8.57 -17.97 -0.81
CA TYR D 103 -7.94 -18.94 -1.69
C TYR D 103 -7.32 -20.07 -0.87
N GLY D 104 -7.61 -21.30 -1.25
CA GLY D 104 -7.08 -22.46 -0.55
C GLY D 104 -7.72 -22.74 0.78
N SER D 105 -8.88 -22.17 1.05
CA SER D 105 -9.51 -22.29 2.34
C SER D 105 -10.20 -23.65 2.49
N SER D 106 -10.50 -24.00 3.75
CA SER D 106 -11.26 -25.21 4.10
C SER D 106 -12.55 -24.79 4.77
N PRO D 107 -13.62 -24.55 4.01
CA PRO D 107 -14.90 -24.22 4.64
C PRO D 107 -15.52 -25.41 5.35
N PHE D 108 -16.47 -25.08 6.24
CA PHE D 108 -17.29 -26.04 6.96
C PHE D 108 -16.47 -26.98 7.84
N ASP D 109 -15.34 -26.50 8.37
CA ASP D 109 -14.32 -27.42 8.88
C ASP D 109 -14.62 -27.91 10.29
N PHE D 110 -15.20 -27.08 11.15
CA PHE D 110 -15.47 -27.51 12.52
C PHE D 110 -16.94 -27.26 12.84
N TRP D 111 -17.68 -28.35 13.02
CA TRP D 111 -19.09 -28.30 13.33
C TRP D 111 -19.29 -28.34 14.85
N GLY D 112 -20.27 -27.59 15.32
CA GLY D 112 -20.58 -27.60 16.73
C GLY D 112 -21.23 -28.90 17.18
N GLN D 113 -21.38 -29.03 18.49
CA GLN D 113 -21.99 -30.24 19.03
C GLN D 113 -23.50 -30.27 18.84
N GLY D 114 -24.11 -29.14 18.52
CA GLY D 114 -25.51 -29.10 18.17
C GLY D 114 -26.43 -29.09 19.38
N THR D 115 -27.63 -28.59 19.17
CA THR D 115 -28.66 -28.63 20.20
C THR D 115 -29.96 -29.10 19.58
N THR D 116 -30.77 -29.81 20.38
CA THR D 116 -31.97 -30.45 19.89
C THR D 116 -33.19 -29.57 20.16
N LEU D 117 -33.99 -29.35 19.13
CA LEU D 117 -35.23 -28.60 19.23
C LEU D 117 -36.38 -29.52 18.90
N THR D 118 -37.30 -29.70 19.85
CA THR D 118 -38.46 -30.56 19.69
C THR D 118 -39.73 -29.75 19.87
N VAL D 119 -40.57 -29.75 18.84
CA VAL D 119 -41.80 -28.97 18.83
C VAL D 119 -42.92 -29.84 18.28
N SER D 120 -44.02 -29.92 19.02
CA SER D 120 -45.17 -30.72 18.61
C SER D 120 -46.45 -30.17 19.23
N ASP D 137 -33.37 -25.42 -7.17
CA ASP D 137 -32.21 -25.78 -6.36
C ASP D 137 -31.40 -26.86 -7.06
N ILE D 138 -30.22 -27.15 -6.51
CA ILE D 138 -29.42 -28.28 -6.95
C ILE D 138 -29.70 -29.45 -6.01
N VAL D 139 -30.05 -30.60 -6.57
CA VAL D 139 -30.39 -31.79 -5.80
C VAL D 139 -29.25 -32.79 -5.95
N MET D 140 -28.76 -33.28 -4.81
CA MET D 140 -27.65 -34.23 -4.78
C MET D 140 -28.19 -35.66 -4.78
N THR D 141 -27.87 -36.41 -5.82
CA THR D 141 -28.30 -37.80 -5.96
C THR D 141 -27.28 -38.70 -5.27
N GLN D 142 -27.67 -39.27 -4.14
CA GLN D 142 -26.84 -40.14 -3.32
C GLN D 142 -27.57 -41.45 -3.05
N ALA D 143 -28.01 -42.07 -4.15
CA ALA D 143 -29.08 -43.07 -4.13
C ALA D 143 -28.74 -44.31 -3.31
N THR D 144 -27.48 -44.72 -3.31
CA THR D 144 -27.08 -45.88 -2.53
C THR D 144 -27.06 -45.50 -1.05
N SER D 145 -28.13 -45.86 -0.33
CA SER D 145 -28.33 -45.41 1.04
C SER D 145 -27.63 -46.28 2.07
N SER D 146 -27.03 -47.40 1.66
CA SER D 146 -26.32 -48.27 2.59
C SER D 146 -25.33 -49.12 1.82
N VAL D 147 -24.09 -49.17 2.32
CA VAL D 147 -23.06 -50.05 1.77
C VAL D 147 -22.53 -50.92 2.90
N PRO D 148 -22.85 -52.23 2.93
CA PRO D 148 -22.34 -53.09 4.00
C PRO D 148 -20.92 -53.55 3.70
N VAL D 149 -20.04 -53.44 4.70
CA VAL D 149 -18.65 -53.83 4.56
C VAL D 149 -18.09 -54.14 5.95
N THR D 150 -17.01 -54.90 5.98
CA THR D 150 -16.05 -55.40 6.94
C THR D 150 -14.74 -54.62 6.85
N PRO D 151 -14.02 -54.43 7.96
CA PRO D 151 -12.80 -53.62 7.92
C PRO D 151 -11.68 -54.24 7.09
N GLY D 152 -10.98 -53.38 6.35
CA GLY D 152 -9.87 -53.80 5.52
C GLY D 152 -10.10 -53.69 4.03
N GLU D 153 -11.33 -53.45 3.58
CA GLU D 153 -11.63 -53.38 2.16
C GLU D 153 -11.99 -51.95 1.75
N SER D 154 -11.75 -51.64 0.48
CA SER D 154 -12.02 -50.31 -0.04
C SER D 154 -13.49 -50.16 -0.39
N VAL D 155 -14.06 -49.00 -0.05
CA VAL D 155 -15.45 -48.67 -0.35
C VAL D 155 -15.44 -47.44 -1.25
N SER D 156 -16.38 -47.37 -2.19
CA SER D 156 -16.53 -46.19 -3.03
C SER D 156 -17.96 -45.68 -2.93
N ILE D 157 -18.15 -44.56 -2.26
CA ILE D 157 -19.44 -43.91 -2.12
C ILE D 157 -19.60 -42.92 -3.26
N SER D 158 -20.67 -43.04 -4.03
CA SER D 158 -20.85 -42.20 -5.20
C SER D 158 -21.92 -41.15 -4.94
N CYS D 159 -21.90 -40.09 -5.75
CA CYS D 159 -22.85 -38.99 -5.62
C CYS D 159 -22.96 -38.29 -6.95
N ARG D 160 -24.20 -37.88 -7.28
CA ARG D 160 -24.47 -37.16 -8.51
C ARG D 160 -25.25 -35.90 -8.18
N SER D 161 -25.16 -34.92 -9.08
CA SER D 161 -25.76 -33.61 -8.88
C SER D 161 -26.75 -33.30 -10.00
N SER D 162 -27.56 -32.27 -9.78
CA SER D 162 -28.50 -31.83 -10.81
C SER D 162 -27.79 -31.16 -11.97
N LYS D 163 -26.92 -30.18 -11.68
CA LYS D 163 -26.09 -29.53 -12.69
C LYS D 163 -24.62 -29.75 -12.35
N SER D 164 -23.76 -29.34 -13.27
CA SER D 164 -22.34 -29.51 -13.06
C SER D 164 -21.81 -28.49 -12.06
N LEU D 165 -20.80 -28.87 -11.30
CA LEU D 165 -20.15 -27.98 -10.35
C LEU D 165 -18.79 -27.50 -10.82
N LEU D 166 -18.36 -27.93 -12.00
CA LEU D 166 -17.08 -27.56 -12.59
C LEU D 166 -17.30 -26.80 -13.88
N HIS D 167 -16.67 -25.64 -13.99
CA HIS D 167 -16.53 -24.93 -15.27
C HIS D 167 -15.26 -24.08 -15.17
N SER D 168 -15.16 -23.07 -16.03
CA SER D 168 -14.00 -22.20 -16.04
C SER D 168 -13.91 -21.26 -14.84
N ASN D 169 -14.85 -21.31 -13.89
CA ASN D 169 -14.66 -20.67 -12.59
C ASN D 169 -13.56 -21.35 -11.77
N GLY D 170 -13.22 -22.60 -12.10
CA GLY D 170 -11.98 -23.24 -11.71
C GLY D 170 -12.12 -24.47 -10.84
N ASN D 171 -12.95 -24.39 -9.81
CA ASN D 171 -13.05 -25.45 -8.81
C ASN D 171 -14.20 -26.38 -9.15
N THR D 172 -14.47 -27.30 -8.23
CA THR D 172 -15.61 -28.19 -8.30
C THR D 172 -16.13 -28.35 -6.88
N TYR D 173 -17.21 -27.66 -6.55
CA TYR D 173 -17.51 -27.32 -5.17
C TYR D 173 -18.32 -28.44 -4.50
N LEU D 174 -17.69 -29.61 -4.37
CA LEU D 174 -18.30 -30.75 -3.71
C LEU D 174 -17.57 -31.06 -2.41
N TYR D 175 -18.34 -31.21 -1.33
CA TYR D 175 -17.81 -31.33 0.02
C TYR D 175 -18.29 -32.64 0.62
N TRP D 176 -17.36 -33.53 0.94
CA TRP D 176 -17.67 -34.79 1.58
C TRP D 176 -17.54 -34.65 3.08
N PHE D 177 -18.61 -34.99 3.80
CA PHE D 177 -18.69 -34.99 5.25
C PHE D 177 -18.96 -36.39 5.75
N LEU D 178 -18.57 -36.63 7.02
CA LEU D 178 -18.81 -37.89 7.70
C LEU D 178 -19.39 -37.62 9.07
N GLN D 179 -20.47 -38.33 9.40
CA GLN D 179 -21.09 -38.27 10.72
C GLN D 179 -21.03 -39.66 11.33
N ARG D 180 -20.20 -39.81 12.35
CA ARG D 180 -20.17 -41.00 13.17
C ARG D 180 -21.35 -40.98 14.14
N PRO D 181 -21.85 -42.16 14.55
CA PRO D 181 -23.08 -42.19 15.36
C PRO D 181 -22.88 -41.61 16.75
N GLY D 182 -23.74 -40.65 17.11
CA GLY D 182 -23.61 -39.91 18.34
C GLY D 182 -22.71 -38.71 18.27
N GLN D 183 -22.40 -38.22 17.07
CA GLN D 183 -21.40 -37.18 16.89
C GLN D 183 -21.90 -36.14 15.91
N SER D 184 -21.17 -35.03 15.84
CA SER D 184 -21.34 -34.01 14.83
C SER D 184 -20.74 -34.47 13.51
N PRO D 185 -21.14 -33.87 12.39
CA PRO D 185 -20.44 -34.14 11.13
C PRO D 185 -19.04 -33.57 11.15
N GLN D 186 -18.24 -34.03 10.21
CA GLN D 186 -16.82 -33.68 10.17
C GLN D 186 -16.40 -33.65 8.72
N LEU D 187 -15.65 -32.61 8.34
CA LEU D 187 -15.29 -32.44 6.96
C LEU D 187 -14.21 -33.42 6.55
N LEU D 188 -14.45 -34.15 5.47
CA LEU D 188 -13.45 -35.04 4.90
C LEU D 188 -12.80 -34.44 3.67
N ILE D 189 -13.60 -34.05 2.68
CA ILE D 189 -13.08 -33.53 1.42
C ILE D 189 -13.75 -32.19 1.16
N TYR D 190 -12.96 -31.20 0.74
CA TYR D 190 -13.51 -29.95 0.24
C TYR D 190 -12.98 -29.68 -1.16
N ARG D 191 -13.85 -29.13 -2.01
CA ARG D 191 -13.60 -28.91 -3.45
C ARG D 191 -13.18 -30.18 -4.18
N MET D 192 -13.81 -31.30 -3.81
CA MET D 192 -13.85 -32.59 -4.51
C MET D 192 -12.54 -33.37 -4.48
N SER D 193 -11.44 -32.76 -4.06
CA SER D 193 -10.16 -33.46 -4.12
C SER D 193 -9.36 -33.32 -2.84
N ASN D 194 -9.51 -32.19 -2.15
CA ASN D 194 -8.59 -31.79 -1.11
C ASN D 194 -9.00 -32.39 0.22
N LEU D 195 -8.08 -33.12 0.85
CA LEU D 195 -8.34 -33.73 2.14
C LEU D 195 -8.22 -32.69 3.24
N ALA D 196 -9.07 -32.81 4.26
CA ALA D 196 -9.14 -31.82 5.31
C ALA D 196 -8.01 -32.01 6.31
N SER D 197 -8.01 -31.18 7.35
CA SER D 197 -7.03 -31.26 8.42
C SER D 197 -7.59 -32.13 9.55
N GLY D 198 -6.83 -33.13 9.96
CA GLY D 198 -7.27 -34.04 11.00
C GLY D 198 -7.90 -35.32 10.52
N VAL D 199 -7.80 -35.62 9.23
CA VAL D 199 -8.36 -36.84 8.67
C VAL D 199 -7.26 -37.58 7.91
N PRO D 200 -7.24 -38.91 7.93
CA PRO D 200 -6.12 -39.65 7.36
C PRO D 200 -6.17 -39.70 5.84
N ASP D 201 -5.06 -40.13 5.26
CA ASP D 201 -4.81 -40.09 3.82
C ASP D 201 -5.51 -41.22 3.06
N ARG D 202 -6.18 -42.12 3.77
CA ARG D 202 -6.88 -43.20 3.08
C ARG D 202 -8.16 -42.70 2.40
N PHE D 203 -8.75 -41.63 2.92
CA PHE D 203 -9.88 -40.99 2.25
C PHE D 203 -9.41 -40.26 1.01
N SER D 204 -10.04 -40.56 -0.12
CA SER D 204 -9.72 -39.89 -1.38
C SER D 204 -11.01 -39.41 -2.02
N GLY D 205 -10.90 -38.34 -2.79
CA GLY D 205 -12.06 -37.81 -3.48
C GLY D 205 -11.77 -37.60 -4.95
N SER D 206 -12.69 -37.99 -5.82
CA SER D 206 -12.46 -37.81 -7.24
C SER D 206 -13.79 -37.62 -7.93
N GLY D 207 -13.74 -37.46 -9.24
CA GLY D 207 -14.94 -37.31 -10.03
C GLY D 207 -14.71 -36.32 -11.15
N SER D 208 -15.79 -36.08 -11.90
CA SER D 208 -15.80 -35.11 -12.97
C SER D 208 -17.23 -34.71 -13.26
N GLY D 209 -17.42 -33.45 -13.64
CA GLY D 209 -18.71 -32.97 -14.10
C GLY D 209 -19.78 -32.99 -13.04
N THR D 210 -20.71 -33.93 -13.17
CA THR D 210 -21.78 -34.13 -12.21
C THR D 210 -21.56 -35.37 -11.33
N ALA D 211 -20.62 -36.24 -11.67
CA ALA D 211 -20.47 -37.53 -11.00
C ALA D 211 -19.20 -37.53 -10.17
N PHE D 212 -19.34 -37.79 -8.87
CA PHE D 212 -18.21 -37.76 -7.95
C PHE D 212 -18.23 -38.98 -7.05
N THR D 213 -17.08 -39.26 -6.44
CA THR D 213 -16.94 -40.44 -5.60
C THR D 213 -15.92 -40.21 -4.50
N LEU D 214 -16.14 -40.91 -3.39
CA LEU D 214 -15.30 -40.91 -2.20
C LEU D 214 -14.78 -42.33 -1.99
N THR D 215 -13.47 -42.49 -2.02
CA THR D 215 -12.84 -43.78 -1.85
C THR D 215 -12.27 -43.90 -0.44
N ILE D 216 -12.73 -44.91 0.30
CA ILE D 216 -12.15 -45.24 1.60
C ILE D 216 -11.43 -46.58 1.47
N SER D 217 -10.14 -46.54 1.18
CA SER D 217 -9.31 -47.73 1.22
C SER D 217 -8.84 -47.98 2.65
N ARG D 218 -8.41 -49.23 2.89
CA ARG D 218 -7.83 -49.74 4.15
C ARG D 218 -8.69 -49.37 5.38
N LEU D 219 -9.99 -49.61 5.23
CA LEU D 219 -11.00 -49.08 6.15
C LEU D 219 -10.91 -49.69 7.54
N GLU D 220 -10.88 -48.83 8.56
CA GLU D 220 -10.89 -49.23 9.96
C GLU D 220 -12.30 -49.22 10.53
N ALA D 221 -12.40 -49.44 11.84
CA ALA D 221 -13.70 -49.62 12.47
C ALA D 221 -14.38 -48.31 12.83
N GLU D 222 -13.64 -47.21 12.83
CA GLU D 222 -14.19 -45.91 13.20
C GLU D 222 -14.74 -45.14 12.01
N ASP D 223 -14.84 -45.76 10.85
CA ASP D 223 -15.48 -45.16 9.68
C ASP D 223 -16.95 -45.56 9.56
N VAL D 224 -17.51 -46.19 10.58
CA VAL D 224 -18.94 -46.50 10.60
C VAL D 224 -19.73 -45.21 10.77
N GLY D 225 -20.72 -45.00 9.90
CA GLY D 225 -21.53 -43.80 10.00
C GLY D 225 -22.04 -43.37 8.65
N VAL D 226 -22.66 -42.20 8.63
CA VAL D 226 -23.37 -41.68 7.45
C VAL D 226 -22.47 -40.68 6.75
N TYR D 227 -22.42 -40.75 5.42
CA TYR D 227 -21.55 -39.91 4.63
C TYR D 227 -22.40 -39.05 3.70
N TYR D 228 -22.08 -37.76 3.64
CA TYR D 228 -22.88 -36.80 2.90
C TYR D 228 -22.05 -36.05 1.87
N CYS D 229 -22.60 -35.88 0.68
CA CYS D 229 -22.05 -34.99 -0.33
C CYS D 229 -22.84 -33.69 -0.33
N MET D 230 -22.14 -32.57 -0.31
CA MET D 230 -22.74 -31.25 -0.26
C MET D 230 -22.20 -30.44 -1.43
N GLN D 231 -22.99 -29.48 -1.90
CA GLN D 231 -22.52 -28.56 -2.93
C GLN D 231 -22.35 -27.18 -2.33
N HIS D 232 -21.38 -26.43 -2.87
CA HIS D 232 -21.19 -25.04 -2.49
C HIS D 232 -21.09 -24.15 -3.72
N LEU D 233 -21.67 -24.58 -4.84
CA LEU D 233 -21.58 -23.79 -6.06
C LEU D 233 -22.42 -22.53 -5.97
N GLU D 234 -23.62 -22.63 -5.39
CA GLU D 234 -24.48 -21.48 -5.21
C GLU D 234 -25.45 -21.76 -4.09
N TYR D 235 -25.94 -20.70 -3.51
CA TYR D 235 -26.92 -20.82 -2.44
C TYR D 235 -28.30 -21.09 -3.04
N PRO D 236 -29.14 -21.93 -2.40
CA PRO D 236 -28.98 -22.61 -1.11
C PRO D 236 -28.09 -23.84 -1.14
N LEU D 237 -27.51 -24.16 0.01
CA LEU D 237 -26.61 -25.29 0.13
C LEU D 237 -27.43 -26.55 0.39
N THR D 238 -27.23 -27.57 -0.45
CA THR D 238 -28.02 -28.79 -0.38
C THR D 238 -27.09 -29.98 -0.21
N PHE D 239 -27.46 -30.86 0.71
CA PHE D 239 -26.70 -32.06 1.00
C PHE D 239 -27.24 -33.22 0.16
N GLY D 240 -26.63 -34.38 0.34
CA GLY D 240 -27.23 -35.62 -0.12
C GLY D 240 -28.16 -36.18 0.93
N ALA D 241 -28.75 -37.32 0.62
CA ALA D 241 -29.65 -37.96 1.56
C ALA D 241 -28.91 -38.77 2.61
N GLY D 242 -27.64 -39.04 2.39
CA GLY D 242 -26.83 -39.85 3.29
C GLY D 242 -26.41 -41.14 2.59
N THR D 243 -25.30 -41.71 3.06
CA THR D 243 -24.90 -43.06 2.67
C THR D 243 -24.34 -43.74 3.92
N LYS D 244 -25.02 -44.76 4.38
CA LYS D 244 -24.64 -45.41 5.63
C LYS D 244 -23.58 -46.47 5.37
N LEU D 245 -22.57 -46.49 6.23
CA LEU D 245 -21.60 -47.58 6.29
C LEU D 245 -21.73 -48.23 7.65
N GLU D 246 -21.89 -49.55 7.66
CA GLU D 246 -22.18 -50.30 8.88
C GLU D 246 -21.26 -51.50 9.02
N LEU D 247 -21.55 -52.35 10.01
CA LEU D 247 -20.77 -53.55 10.37
C LEU D 247 -19.31 -53.23 10.68
N THR E 6 47.84 -10.46 17.73
CA THR E 6 46.82 -11.27 18.37
C THR E 6 45.64 -11.49 17.45
N ALA E 7 45.06 -10.40 16.96
CA ALA E 7 43.91 -10.49 16.07
C ALA E 7 44.28 -10.34 14.60
N SER E 8 45.29 -9.50 14.30
CA SER E 8 45.66 -9.25 12.91
C SER E 8 46.36 -10.45 12.30
N ILE E 9 47.21 -11.13 13.08
CA ILE E 9 47.90 -12.33 12.59
C ILE E 9 46.90 -13.45 12.35
N ALA E 10 45.89 -13.58 13.21
CA ALA E 10 44.87 -14.61 13.04
C ALA E 10 43.97 -14.29 11.85
N GLN E 11 43.65 -13.01 11.66
CA GLN E 11 42.85 -12.60 10.51
C GLN E 11 43.59 -12.83 9.20
N ALA E 12 44.89 -12.54 9.18
CA ALA E 12 45.67 -12.73 7.95
C ALA E 12 45.89 -14.20 7.66
N ARG E 13 46.07 -15.02 8.69
CA ARG E 13 46.26 -16.46 8.46
C ARG E 13 44.96 -17.13 8.03
N LYS E 14 43.83 -16.70 8.60
CA LYS E 14 42.55 -17.22 8.13
C LYS E 14 42.22 -16.72 6.73
N LEU E 15 42.68 -15.52 6.38
CA LEU E 15 42.45 -14.98 5.05
C LEU E 15 43.28 -15.76 4.02
N VAL E 16 44.53 -16.08 4.33
CA VAL E 16 45.31 -16.84 3.36
C VAL E 16 44.88 -18.30 3.32
N GLU E 17 44.34 -18.85 4.41
CA GLU E 17 43.80 -20.21 4.37
C GLU E 17 42.51 -20.27 3.56
N GLN E 18 41.62 -19.29 3.75
CA GLN E 18 40.40 -19.17 2.96
C GLN E 18 40.72 -18.96 1.49
N LEU E 19 41.73 -18.16 1.19
CA LEU E 19 42.00 -17.88 -0.20
C LEU E 19 42.79 -19.01 -0.86
N LYS E 20 43.53 -19.81 -0.07
CA LYS E 20 44.20 -20.95 -0.67
C LYS E 20 43.25 -22.12 -0.88
N MET E 21 42.19 -22.24 -0.06
CA MET E 21 41.18 -23.25 -0.40
C MET E 21 40.33 -22.77 -1.59
N GLU E 22 40.09 -21.46 -1.70
CA GLU E 22 39.42 -20.95 -2.90
C GLU E 22 40.32 -21.03 -4.13
N ALA E 23 41.64 -21.12 -3.95
CA ALA E 23 42.53 -21.37 -5.07
C ALA E 23 42.47 -22.83 -5.51
N ASN E 24 42.13 -23.74 -4.61
CA ASN E 24 42.15 -25.17 -4.88
C ASN E 24 40.80 -25.66 -5.38
N ILE E 25 40.30 -24.95 -6.40
CA ILE E 25 39.11 -25.37 -7.12
C ILE E 25 39.47 -25.54 -8.59
N ASP E 26 38.61 -26.24 -9.31
CA ASP E 26 38.79 -26.45 -10.73
C ASP E 26 37.82 -25.55 -11.50
N ARG E 27 38.32 -24.88 -12.52
CA ARG E 27 37.55 -23.90 -13.28
C ARG E 27 37.50 -24.34 -14.74
N ILE E 28 36.29 -24.52 -15.25
CA ILE E 28 36.10 -24.86 -16.66
C ILE E 28 36.40 -23.63 -17.52
N LYS E 29 36.70 -23.88 -18.79
CA LYS E 29 36.84 -22.82 -19.76
C LYS E 29 35.54 -22.05 -19.91
N VAL E 30 35.66 -20.75 -20.19
CA VAL E 30 34.48 -19.90 -20.31
C VAL E 30 33.70 -20.20 -21.58
N SER E 31 34.34 -20.78 -22.60
CA SER E 31 33.62 -21.22 -23.79
C SER E 31 32.64 -22.34 -23.46
N LYS E 32 33.07 -23.32 -22.66
CA LYS E 32 32.20 -24.43 -22.28
C LYS E 32 31.06 -23.96 -21.38
N ALA E 33 31.34 -23.05 -20.44
CA ALA E 33 30.30 -22.57 -19.54
C ALA E 33 29.32 -21.66 -20.26
N ALA E 34 29.80 -20.86 -21.22
CA ALA E 34 28.92 -20.01 -22.02
C ALA E 34 28.05 -20.86 -22.95
N ALA E 35 28.62 -21.93 -23.53
CA ALA E 35 27.81 -22.84 -24.33
C ALA E 35 26.81 -23.60 -23.47
N ASP E 36 27.13 -23.85 -22.20
CA ASP E 36 26.18 -24.49 -21.30
C ASP E 36 25.00 -23.57 -21.00
N LEU E 37 25.28 -22.28 -20.78
CA LEU E 37 24.20 -21.33 -20.57
C LEU E 37 23.36 -21.13 -21.83
N MET E 38 24.02 -21.11 -22.99
CA MET E 38 23.30 -20.97 -24.26
C MET E 38 22.44 -22.20 -24.54
N ALA E 39 22.90 -23.39 -24.18
CA ALA E 39 22.12 -24.60 -24.40
C ALA E 39 20.96 -24.70 -23.42
N TYR E 40 21.14 -24.22 -22.18
CA TYR E 40 20.00 -24.19 -21.26
C TYR E 40 18.96 -23.17 -21.70
N CYS E 41 19.39 -22.05 -22.26
CA CYS E 41 18.43 -21.07 -22.74
C CYS E 41 17.69 -21.57 -23.97
N GLU E 42 18.40 -22.16 -24.93
CA GLU E 42 17.76 -22.62 -26.15
C GLU E 42 17.16 -24.01 -26.01
N ALA E 43 17.22 -24.62 -24.83
CA ALA E 43 16.51 -25.87 -24.59
C ALA E 43 15.31 -25.70 -23.66
N HIS E 44 15.02 -24.47 -23.22
CA HIS E 44 13.88 -24.18 -22.36
C HIS E 44 13.08 -22.99 -22.88
N ALA E 45 13.29 -22.60 -24.15
CA ALA E 45 12.72 -21.38 -24.67
C ALA E 45 11.20 -21.46 -24.83
N LYS E 46 10.67 -22.64 -25.17
CA LYS E 46 9.24 -22.78 -25.38
C LYS E 46 8.45 -22.73 -24.07
N GLU E 47 9.10 -22.93 -22.93
CA GLU E 47 8.45 -22.90 -21.64
C GLU E 47 8.61 -21.55 -20.94
N ASP E 48 8.88 -20.49 -21.68
CA ASP E 48 9.04 -19.15 -21.12
C ASP E 48 7.91 -18.26 -21.62
N PRO E 49 6.85 -18.06 -20.82
CA PRO E 49 5.73 -17.22 -21.27
C PRO E 49 6.04 -15.73 -21.35
N LEU E 50 7.18 -15.27 -20.82
CA LEU E 50 7.57 -13.88 -21.04
C LEU E 50 8.40 -13.72 -22.31
N LEU E 51 9.08 -14.78 -22.73
CA LEU E 51 9.92 -14.70 -23.92
C LEU E 51 9.12 -14.92 -25.18
N THR E 52 8.47 -16.09 -25.28
CA THR E 52 7.49 -16.36 -26.33
C THR E 52 6.13 -16.41 -25.67
N PRO E 53 5.30 -15.38 -25.81
CA PRO E 53 4.08 -15.29 -24.99
C PRO E 53 2.99 -16.23 -25.47
N VAL E 54 2.28 -16.81 -24.51
CA VAL E 54 1.21 -17.76 -24.77
C VAL E 54 -0.01 -16.99 -25.27
N PRO E 55 -0.94 -17.62 -26.00
CA PRO E 55 -2.18 -16.94 -26.36
C PRO E 55 -3.05 -16.68 -25.14
N ALA E 56 -4.08 -15.85 -25.34
CA ALA E 56 -4.90 -15.37 -24.24
C ALA E 56 -5.81 -16.44 -23.64
N SER E 57 -5.96 -17.59 -24.30
CA SER E 57 -6.73 -18.66 -23.71
C SER E 57 -5.94 -19.38 -22.61
N GLU E 58 -4.61 -19.37 -22.70
CA GLU E 58 -3.74 -20.04 -21.75
C GLU E 58 -3.13 -19.07 -20.74
N ASN E 59 -3.45 -17.79 -20.86
CA ASN E 59 -2.91 -16.76 -19.97
C ASN E 59 -3.79 -16.65 -18.74
N PRO E 60 -3.26 -16.82 -17.52
CA PRO E 60 -4.09 -16.64 -16.33
C PRO E 60 -4.36 -15.19 -16.00
N PHE E 61 -3.69 -14.26 -16.68
CA PHE E 61 -3.74 -12.85 -16.34
C PHE E 61 -4.30 -12.05 -17.50
N ARG E 62 -5.41 -12.49 -18.08
CA ARG E 62 -6.05 -11.76 -19.17
C ARG E 62 -6.55 -10.40 -18.71
C10 YI9 F . -26.19 33.28 -15.15
C15 YI9 F . -26.05 33.99 -17.33
C01 YI9 F . -26.83 31.33 -6.50
C02 YI9 F . -28.14 30.64 -6.82
C03 YI9 F . -28.16 30.28 -8.29
C04 YI9 F . -28.06 31.52 -9.16
C05 YI9 F . -26.95 31.37 -10.19
C06 YI9 F . -26.08 32.61 -10.24
C07 YI9 F . -25.32 32.64 -11.56
C08 YI9 F . -26.30 32.68 -12.73
N09 YI9 F . -25.58 32.66 -13.99
C11 YI9 F . -27.47 33.76 -15.06
C12 YI9 F . -28.00 34.34 -16.18
O13 YI9 F . -29.10 34.76 -16.14
N14 YI9 F . -27.29 34.44 -17.28
O16 YI9 F . -25.44 34.09 -18.34
N17 YI9 F . -25.51 33.41 -16.27
C1 CLR G . -18.23 10.67 -9.54
C2 CLR G . -17.44 9.85 -8.53
C3 CLR G . -17.72 10.30 -7.10
C4 CLR G . -19.20 10.22 -6.83
C5 CLR G . -20.00 11.02 -7.84
C6 CLR G . -20.80 12.00 -7.48
C7 CLR G . -21.81 12.66 -8.37
C8 CLR G . -21.87 12.01 -9.75
C9 CLR G . -20.45 11.67 -10.23
C10 CLR G . -19.76 10.64 -9.30
C11 CLR G . -20.41 11.25 -11.70
C12 CLR G . -21.15 12.21 -12.64
C13 CLR G . -22.59 12.40 -12.19
C14 CLR G . -22.51 12.96 -10.76
C15 CLR G . -23.90 13.53 -10.52
C16 CLR G . -24.02 14.37 -11.80
C17 CLR G . -23.45 13.47 -12.93
C18 CLR G . -23.34 11.05 -12.22
C19 CLR G . -20.30 9.22 -9.51
C20 CLR G . -22.85 14.27 -14.11
C21 CLR G . -22.02 15.48 -13.68
C22 CLR G . -23.96 14.69 -15.11
C23 CLR G . -24.83 15.85 -14.68
C24 CLR G . -25.97 16.09 -15.63
C25 CLR G . -26.96 17.17 -15.19
C26 CLR G . -28.13 17.25 -16.16
C27 CLR G . -27.45 16.92 -13.78
O1 CLR G . -17.00 9.46 -6.19
#